data_5M0O
#
_entry.id   5M0O
#
_cell.length_a   48.928
_cell.length_b   115.494
_cell.length_c   163.247
_cell.angle_alpha   90.00
_cell.angle_beta   90.00
_cell.angle_gamma   90.00
#
_symmetry.space_group_name_H-M   'P 21 21 21'
#
loop_
_entity.id
_entity.type
_entity.pdbx_description
1 polymer 'Terminal olefin-forming fatty acid decarboxylase'
2 polymer 'Terminal olefin-forming fatty acid decarboxylase'
3 non-polymer 'PROTOPORPHYRIN IX CONTAINING FE'
4 non-polymer '5,8,11,14,17-EICOSAPENTAENOIC ACID'
5 non-polymer 'SULFATE ION'
6 water water
#
loop_
_entity_poly.entity_id
_entity_poly.type
_entity_poly.pdbx_seq_one_letter_code
_entity_poly.pdbx_strand_id
1 'polypeptide(L)'
;MATLKRDKGLDNTLKVLKQGYLYTTNQRNRLNTSVFQTKALGGKPFVVVTGKEGAEMFYNNDVVQREGMLPKRIVNTLFG
KGAIQTVDGKKHVDRKALFMSLMTEGNLNYVRELTRTLWHANTQRMESMDEVNIYRESIVLLTKVGTRWAGVQAPPEDIE
RIATDMDIMIDSFRALGGAFKGYKASKEARRRVEDWLEEQIIETRKGNIHPPEGTALYEFAHWEDYLGNPMDSRTCAIDL
MNTFRPLIAINRFVSFGLHAMNENPITREKIKSEPDYAYKFAQEVRRYYPFVPFLPGKAKVDIDFQGVTIPAGVGLALDV
YGTTHDESLWDDPNEFRPERFETWDGSPFDLIPQGGGDYWTNHRCAGEWITVIIMEETMKYFAEKITYDVPEQDLEVDLN
SIPGYVKSGFVIKNVREVVDRT
;
A
2 'polypeptide(L)'
;HHHHHHMATLKRDKGLDNTLKVLKQGYLYTTNQRNRLNTSVFQTKALGGKPFVVVTGKEGAEMFYNNDVVQREGMLPKRI
VNTLFGKGAIQTVDGKKHVDRKALFMSLMTEGNLNYVRELTRTLWHANTQRMESMDEVNIYRESIVLLTKVGTRWAGVQA
PPEDIERIATDMDIMIDSFRALGGAFKGYKASKEARRRVEDWLEEQIIETRKGNIHPPEGTALYEFAHWEDYLGNPMDSR
TCAIDLMNTFRPLIAINRFVSFGLHAMNENPITREKIKSEPDYAYKFAQEVRRYYPFVPFLPGKAKVDIDFQGVTIPAGV
GLALDVYGTTHDESLWDDPNEFRPERFETWDGSPFDLIPQGGGDYWTNHRCAGEWITVIIMEETMKYFAEKITYDVPEQD
LEVDLNSIPGYVKSGFVIKNVREVVDRT
;
C
#
loop_
_chem_comp.id
_chem_comp.type
_chem_comp.name
_chem_comp.formula
EPA non-polymer '5,8,11,14,17-EICOSAPENTAENOIC ACID' 'C20 H30 O2'
HEM non-polymer 'PROTOPORPHYRIN IX CONTAINING FE' 'C34 H32 Fe N4 O4'
SO4 non-polymer 'SULFATE ION' 'O4 S -2'
#
# COMPACT_ATOMS: atom_id res chain seq x y z
N LEU A 4 -24.01 30.72 3.34
CA LEU A 4 -22.83 30.23 2.52
C LEU A 4 -23.19 30.26 1.04
N LYS A 5 -22.59 31.19 0.31
CA LYS A 5 -22.83 31.33 -1.11
C LYS A 5 -22.21 30.21 -1.93
N ARG A 6 -22.78 29.95 -3.11
CA ARG A 6 -22.43 28.80 -3.92
C ARG A 6 -22.23 29.15 -5.43
N ASP A 7 -21.25 28.47 -6.06
CA ASP A 7 -21.15 28.42 -7.51
C ASP A 7 -22.04 27.28 -7.92
N LYS A 8 -23.24 27.65 -8.38
CA LYS A 8 -24.24 26.80 -9.06
C LYS A 8 -24.19 25.28 -9.10
N GLY A 9 -23.96 24.70 -10.27
CA GLY A 9 -24.28 23.31 -10.61
C GLY A 9 -24.17 22.14 -9.69
N LEU A 10 -24.53 21.00 -10.24
CA LEU A 10 -24.39 19.70 -9.59
C LEU A 10 -22.91 19.30 -9.54
N ASP A 11 -22.15 19.69 -10.56
CA ASP A 11 -20.70 19.46 -10.62
C ASP A 11 -20.05 20.51 -11.51
N ASN A 12 -19.06 21.23 -10.96
CA ASN A 12 -18.41 22.30 -11.69
C ASN A 12 -16.97 21.98 -12.14
N THR A 13 -16.60 20.70 -12.17
CA THR A 13 -15.23 20.31 -12.52
C THR A 13 -14.80 20.86 -13.87
N LEU A 14 -15.65 20.74 -14.89
CA LEU A 14 -15.24 21.24 -16.20
C LEU A 14 -15.04 22.74 -16.20
N LYS A 15 -15.87 23.47 -15.47
CA LYS A 15 -15.72 24.91 -15.35
C LYS A 15 -14.40 25.32 -14.60
N VAL A 16 -14.06 24.57 -13.58
CA VAL A 16 -12.80 24.81 -12.83
C VAL A 16 -11.62 24.62 -13.83
N LEU A 17 -11.63 23.54 -14.59
CA LEU A 17 -10.59 23.29 -15.57
C LEU A 17 -10.52 24.34 -16.68
N LYS A 18 -11.68 24.89 -17.05
CA LYS A 18 -11.72 25.93 -18.05
C LYS A 18 -11.17 27.25 -17.55
N GLN A 19 -11.42 27.59 -16.28
CA GLN A 19 -10.96 28.85 -15.71
C GLN A 19 -9.59 28.75 -14.95
N GLY A 20 -9.23 27.53 -14.58
CA GLY A 20 -7.86 27.25 -14.07
C GLY A 20 -7.53 28.00 -12.83
N TYR A 21 -6.38 28.69 -12.87
CA TYR A 21 -5.89 29.42 -11.72
C TYR A 21 -6.76 30.63 -11.38
N LEU A 22 -7.60 31.06 -12.31
CA LEU A 22 -8.47 32.21 -12.10
C LEU A 22 -9.87 31.81 -11.69
N TYR A 23 -10.19 30.52 -11.65
CA TYR A 23 -11.50 30.06 -11.18
C TYR A 23 -11.97 30.68 -9.87
N THR A 24 -11.20 30.49 -8.81
CA THR A 24 -11.66 30.89 -7.48
C THR A 24 -11.81 32.40 -7.37
N THR A 25 -10.92 33.14 -7.97
CA THR A 25 -11.05 34.57 -7.89
C THR A 25 -12.21 35.09 -8.80
N ASN A 26 -12.44 34.45 -9.95
CA ASN A 26 -13.63 34.77 -10.73
C ASN A 26 -14.91 34.59 -9.90
N GLN A 27 -14.98 33.50 -9.13
CA GLN A 27 -16.16 33.23 -8.35
C GLN A 27 -16.34 34.22 -7.17
N ARG A 28 -15.26 34.53 -6.44
CA ARG A 28 -15.35 35.48 -5.31
C ARG A 28 -15.80 36.87 -5.80
N ASN A 29 -15.33 37.27 -6.98
CA ASN A 29 -15.66 38.56 -7.55
C ASN A 29 -17.11 38.64 -7.96
N ARG A 30 -17.57 37.67 -8.73
CA ARG A 30 -18.94 37.68 -9.18
C ARG A 30 -19.94 37.40 -8.03
N LEU A 31 -19.59 36.59 -7.00
CA LEU A 31 -20.46 36.33 -5.84
C LEU A 31 -20.27 37.33 -4.68
N ASN A 32 -19.29 38.19 -4.80
CA ASN A 32 -19.05 39.23 -3.79
C ASN A 32 -18.85 38.72 -2.35
N THR A 33 -17.82 37.91 -2.18
CA THR A 33 -17.61 37.22 -0.91
C THR A 33 -16.15 36.75 -0.87
N SER A 34 -15.69 36.40 0.34
CA SER A 34 -14.34 35.87 0.57
C SER A 34 -14.38 34.34 0.66
N VAL A 35 -15.58 33.78 0.75
CA VAL A 35 -15.77 32.34 0.96
C VAL A 35 -16.99 31.82 0.19
N PHE A 36 -16.83 30.69 -0.51
CA PHE A 36 -17.91 30.08 -1.30
C PHE A 36 -17.77 28.58 -1.46
N GLN A 37 -18.89 27.92 -1.74
CA GLN A 37 -18.94 26.49 -1.99
C GLN A 37 -19.13 26.17 -3.46
N THR A 38 -18.53 25.10 -3.92
CA THR A 38 -18.71 24.63 -5.29
C THR A 38 -18.69 23.13 -5.20
N LYS A 39 -19.23 22.45 -6.19
CA LYS A 39 -19.19 21.00 -6.25
C LYS A 39 -18.27 20.55 -7.37
N ALA A 40 -17.50 19.50 -7.10
CA ALA A 40 -16.54 19.02 -8.09
C ALA A 40 -16.14 17.59 -7.86
N LEU A 41 -15.39 17.04 -8.82
CA LEU A 41 -14.84 15.67 -8.68
C LEU A 41 -15.99 14.67 -8.53
N GLY A 42 -17.12 14.96 -9.17
CA GLY A 42 -18.31 14.09 -9.12
C GLY A 42 -19.34 14.50 -8.08
N GLY A 43 -19.62 15.79 -7.98
CA GLY A 43 -20.66 16.29 -7.08
C GLY A 43 -20.24 16.49 -5.63
N LYS A 44 -18.93 16.40 -5.34
CA LYS A 44 -18.47 16.61 -3.97
C LYS A 44 -18.44 18.10 -3.68
N PRO A 45 -19.08 18.53 -2.57
CA PRO A 45 -19.04 19.91 -2.16
C PRO A 45 -17.66 20.28 -1.51
N PHE A 46 -17.10 21.41 -1.95
CA PHE A 46 -15.85 21.96 -1.41
C PHE A 46 -16.12 23.39 -1.05
N VAL A 47 -15.79 23.79 0.18
CA VAL A 47 -15.79 25.20 0.54
C VAL A 47 -14.37 25.74 0.27
N VAL A 48 -14.30 26.74 -0.59
CA VAL A 48 -13.04 27.42 -0.94
C VAL A 48 -12.75 28.54 0.04
N VAL A 49 -11.63 28.40 0.76
CA VAL A 49 -11.15 29.42 1.68
C VAL A 49 -9.84 30.04 1.19
N THR A 50 -9.57 31.28 1.58
CA THR A 50 -8.45 32.02 1.07
C THR A 50 -7.92 33.03 2.11
N GLY A 51 -6.76 33.59 1.80
CA GLY A 51 -6.10 34.59 2.64
C GLY A 51 -5.46 34.03 3.90
N LYS A 52 -4.88 34.90 4.69
CA LYS A 52 -4.26 34.41 5.92
C LYS A 52 -5.21 33.67 6.85
N GLU A 53 -6.44 34.17 6.96
CA GLU A 53 -7.43 33.48 7.81
C GLU A 53 -7.82 32.11 7.28
N GLY A 54 -8.01 32.01 5.97
CA GLY A 54 -8.27 30.70 5.30
C GLY A 54 -7.12 29.71 5.53
N ALA A 55 -5.89 30.20 5.39
CA ALA A 55 -4.74 29.30 5.56
C ALA A 55 -4.58 28.88 7.02
N GLU A 56 -4.81 29.80 7.96
CA GLU A 56 -4.73 29.47 9.39
C GLU A 56 -5.73 28.42 9.78
N MET A 57 -6.94 28.51 9.30
CA MET A 57 -7.92 27.48 9.62
C MET A 57 -7.65 26.16 8.95
N PHE A 58 -7.23 26.21 7.66
CA PHE A 58 -7.00 24.97 6.93
C PHE A 58 -5.90 24.14 7.63
N TYR A 59 -4.98 24.83 8.33
CA TYR A 59 -3.88 24.16 9.01
C TYR A 59 -4.10 23.97 10.51
N ASN A 60 -5.37 24.07 10.93
CA ASN A 60 -5.76 23.63 12.30
C ASN A 60 -6.12 22.14 12.34
N ASN A 61 -5.20 21.32 12.85
CA ASN A 61 -5.34 19.89 12.77
C ASN A 61 -6.53 19.37 13.66
N ASP A 62 -6.95 20.18 14.61
CA ASP A 62 -8.08 19.77 15.48
C ASP A 62 -9.35 19.62 14.67
N VAL A 63 -9.42 20.35 13.56
CA VAL A 63 -10.65 20.64 12.87
C VAL A 63 -10.64 20.27 11.37
N VAL A 64 -9.43 20.07 10.79
CA VAL A 64 -9.29 19.74 9.36
C VAL A 64 -8.54 18.45 9.18
N GLN A 65 -9.12 17.53 8.38
CA GLN A 65 -8.51 16.26 7.95
C GLN A 65 -7.91 16.44 6.59
N ARG A 66 -6.72 15.88 6.37
CA ARG A 66 -6.16 15.83 5.00
C ARG A 66 -6.13 14.45 4.44
N GLU A 67 -5.96 13.50 5.31
CA GLU A 67 -5.98 12.08 4.96
C GLU A 67 -7.21 11.72 4.11
N GLY A 68 -6.98 10.98 3.02
CA GLY A 68 -8.01 10.50 2.12
C GLY A 68 -8.64 11.51 1.14
N MET A 69 -8.18 12.76 1.17
CA MET A 69 -8.84 13.85 0.45
C MET A 69 -8.22 14.18 -0.89
N LEU A 70 -7.04 13.66 -1.16
CA LEU A 70 -6.43 13.81 -2.44
C LEU A 70 -7.17 12.88 -3.35
N PRO A 71 -7.53 13.36 -4.55
CA PRO A 71 -8.05 12.41 -5.54
C PRO A 71 -7.18 11.18 -5.73
N LYS A 72 -7.78 9.98 -5.80
CA LYS A 72 -6.99 8.79 -5.89
C LYS A 72 -6.14 8.67 -7.12
N ARG A 73 -6.60 9.19 -8.28
CA ARG A 73 -5.73 9.09 -9.43
C ARG A 73 -4.41 9.89 -9.23
N ILE A 74 -4.50 10.96 -8.51
CA ILE A 74 -3.34 11.84 -8.22
C ILE A 74 -2.44 11.15 -7.18
N VAL A 75 -3.03 10.46 -6.21
CA VAL A 75 -2.21 9.57 -5.39
C VAL A 75 -1.47 8.54 -6.22
N ASN A 76 -2.14 7.93 -7.20
CA ASN A 76 -1.54 6.90 -8.00
C ASN A 76 -0.41 7.31 -8.92
N THR A 77 -0.32 8.62 -9.24
CA THR A 77 0.64 9.09 -10.20
C THR A 77 1.68 10.06 -9.60
N LEU A 78 1.21 11.00 -8.80
CA LEU A 78 2.06 12.08 -8.30
C LEU A 78 2.79 11.73 -6.99
N PHE A 79 2.05 11.24 -6.00
CA PHE A 79 2.62 11.04 -4.66
C PHE A 79 3.04 9.61 -4.30
N GLY A 80 2.25 8.63 -4.75
CA GLY A 80 2.45 7.23 -4.40
C GLY A 80 1.51 6.79 -3.26
N LYS A 81 1.08 5.54 -3.31
CA LYS A 81 0.22 5.01 -2.25
C LYS A 81 0.99 4.95 -0.92
N GLY A 82 0.35 5.44 0.11
CA GLY A 82 0.92 5.43 1.45
C GLY A 82 2.02 6.46 1.71
N ALA A 83 2.25 7.34 0.73
CA ALA A 83 3.16 8.45 0.92
C ALA A 83 2.83 9.31 2.13
N ILE A 84 3.82 10.13 2.54
CA ILE A 84 3.67 11.09 3.62
C ILE A 84 2.46 11.98 3.42
N GLN A 85 2.16 12.44 2.19
CA GLN A 85 1.00 13.28 1.96
C GLN A 85 -0.34 12.58 2.28
N THR A 86 -0.34 11.25 2.31
CA THR A 86 -1.61 10.47 2.50
C THR A 86 -1.93 10.21 3.96
N VAL A 87 -0.97 10.49 4.86
CA VAL A 87 -1.11 10.11 6.31
C VAL A 87 -1.31 11.35 7.19
N ASP A 88 -2.00 11.19 8.32
CA ASP A 88 -2.26 12.30 9.25
C ASP A 88 -1.87 11.85 10.68
N GLY A 89 -1.94 12.76 11.65
CA GLY A 89 -1.74 12.42 13.06
C GLY A 89 -0.33 12.01 13.45
N LYS A 90 -0.22 11.11 14.45
CA LYS A 90 1.07 10.86 15.07
C LYS A 90 2.02 10.26 14.07
N LYS A 91 1.51 9.36 13.25
CA LYS A 91 2.29 8.70 12.23
C LYS A 91 2.93 9.73 11.24
N HIS A 92 2.16 10.75 10.92
CA HIS A 92 2.58 11.82 10.03
C HIS A 92 3.68 12.67 10.65
N VAL A 93 3.44 13.14 11.87
CA VAL A 93 4.40 13.97 12.59
C VAL A 93 5.76 13.24 12.70
N ASP A 94 5.69 11.95 13.03
CA ASP A 94 6.87 11.13 13.18
C ASP A 94 7.64 11.06 11.86
N ARG A 95 6.93 10.77 10.79
CA ARG A 95 7.60 10.59 9.47
C ARG A 95 8.06 11.97 8.95
N LYS A 96 7.31 13.00 9.24
CA LYS A 96 7.69 14.36 8.76
C LYS A 96 9.06 14.77 9.37
N ALA A 97 9.31 14.32 10.61
CA ALA A 97 10.55 14.68 11.27
C ALA A 97 11.74 14.08 10.58
N LEU A 98 11.57 12.90 9.95
CA LEU A 98 12.60 12.30 9.19
C LEU A 98 12.92 13.21 7.97
N PHE A 99 11.91 13.69 7.25
CA PHE A 99 12.13 14.57 6.09
C PHE A 99 12.86 15.85 6.55
N MET A 100 12.45 16.44 7.67
CA MET A 100 12.96 17.72 8.14
C MET A 100 14.42 17.50 8.60
N SER A 101 14.74 16.29 9.06
CA SER A 101 16.10 16.00 9.59
C SER A 101 17.17 16.09 8.47
N LEU A 102 16.77 16.00 7.22
CA LEU A 102 17.73 16.13 6.10
C LEU A 102 18.18 17.59 5.86
N MET A 103 17.41 18.54 6.39
CA MET A 103 17.57 19.94 6.01
C MET A 103 18.55 20.64 6.98
N THR A 104 19.70 20.03 7.13
CA THR A 104 20.74 20.58 7.94
C THR A 104 21.44 21.73 7.22
N GLU A 105 22.24 22.48 7.98
CA GLU A 105 23.09 23.47 7.35
C GLU A 105 24.01 22.88 6.27
N GLY A 106 24.60 21.74 6.59
CA GLY A 106 25.57 21.10 5.68
C GLY A 106 24.93 20.57 4.44
N ASN A 107 23.77 19.95 4.60
CA ASN A 107 23.09 19.36 3.48
C ASN A 107 22.51 20.44 2.59
N LEU A 108 22.06 21.54 3.19
CA LEU A 108 21.54 22.67 2.38
C LEU A 108 22.71 23.35 1.62
N ASN A 109 23.86 23.50 2.29
N ASN A 109 23.86 23.48 2.29
CA ASN A 109 25.07 24.07 1.67
CA ASN A 109 25.03 24.04 1.61
C ASN A 109 25.52 23.12 0.53
C ASN A 109 25.49 23.11 0.50
N TYR A 110 25.34 21.81 0.68
CA TYR A 110 25.72 20.86 -0.36
C TYR A 110 24.81 21.00 -1.65
N VAL A 111 23.48 21.16 -1.45
CA VAL A 111 22.61 21.31 -2.63
C VAL A 111 22.96 22.63 -3.38
N ARG A 112 23.33 23.66 -2.64
CA ARG A 112 23.82 24.90 -3.19
C ARG A 112 25.05 24.66 -4.09
N GLU A 113 26.04 23.93 -3.55
N GLU A 113 26.04 23.93 -3.55
CA GLU A 113 27.26 23.66 -4.25
CA GLU A 113 27.28 23.68 -4.26
C GLU A 113 27.07 22.77 -5.46
C GLU A 113 27.07 22.76 -5.47
N LEU A 114 26.23 21.74 -5.34
CA LEU A 114 25.94 20.87 -6.44
C LEU A 114 25.29 21.59 -7.63
N THR A 115 24.40 22.51 -7.32
CA THR A 115 23.64 23.28 -8.36
C THR A 115 24.61 24.17 -9.08
N ARG A 116 25.43 24.87 -8.31
CA ARG A 116 26.41 25.72 -8.86
C ARG A 116 27.43 24.98 -9.78
N THR A 117 28.02 23.87 -9.31
CA THR A 117 28.94 23.12 -10.10
C THR A 117 28.34 22.61 -11.40
N LEU A 118 27.13 22.09 -11.34
CA LEU A 118 26.57 21.47 -12.52
C LEU A 118 26.17 22.51 -13.61
N TRP A 119 25.65 23.68 -13.22
CA TRP A 119 25.41 24.75 -14.24
C TRP A 119 26.76 25.14 -14.83
N HIS A 120 27.79 25.33 -13.97
CA HIS A 120 29.09 25.74 -14.53
C HIS A 120 29.66 24.72 -15.50
N ALA A 121 29.48 23.44 -15.18
CA ALA A 121 29.91 22.33 -15.99
C ALA A 121 29.08 22.16 -17.31
N ASN A 122 27.89 22.72 -17.33
CA ASN A 122 26.98 22.58 -18.45
C ASN A 122 27.11 23.64 -19.48
N THR A 123 27.92 24.65 -19.24
CA THR A 123 28.01 25.79 -20.16
C THR A 123 28.42 25.36 -21.59
N GLN A 124 29.50 24.59 -21.73
CA GLN A 124 29.88 24.16 -23.05
C GLN A 124 28.72 23.51 -23.83
N ARG A 125 28.02 22.56 -23.19
CA ARG A 125 26.94 21.83 -23.83
C ARG A 125 25.96 22.87 -24.37
N MET A 126 25.58 23.84 -23.53
CA MET A 126 24.56 24.82 -23.96
C MET A 126 25.06 25.73 -25.07
N GLU A 127 26.37 26.04 -25.07
CA GLU A 127 26.97 26.84 -26.17
C GLU A 127 26.84 26.07 -27.48
N SER A 128 26.98 24.76 -27.39
CA SER A 128 27.04 23.92 -28.62
C SER A 128 25.68 23.64 -29.22
N MET A 129 24.63 23.91 -28.48
CA MET A 129 23.24 23.62 -28.95
C MET A 129 22.73 24.80 -29.80
N ASP A 130 21.88 24.53 -30.80
CA ASP A 130 21.33 25.64 -31.66
C ASP A 130 20.32 26.43 -30.87
N GLU A 131 19.51 25.75 -30.09
CA GLU A 131 18.65 26.38 -29.13
C GLU A 131 18.51 25.49 -27.91
N VAL A 132 18.19 26.12 -26.81
CA VAL A 132 18.02 25.44 -25.52
C VAL A 132 16.70 25.73 -24.90
N ASN A 133 15.93 24.67 -24.71
CA ASN A 133 14.67 24.74 -24.07
C ASN A 133 14.93 24.65 -22.61
N ILE A 134 14.70 25.75 -21.90
CA ILE A 134 15.19 25.83 -20.51
C ILE A 134 14.37 24.92 -19.62
N TYR A 135 13.08 24.76 -19.93
CA TYR A 135 12.30 23.76 -19.20
C TYR A 135 12.92 22.37 -19.23
N ARG A 136 13.32 21.94 -20.42
CA ARG A 136 13.90 20.63 -20.58
C ARG A 136 15.34 20.57 -20.03
N GLU A 137 16.17 21.54 -20.37
CA GLU A 137 17.57 21.47 -19.96
C GLU A 137 17.65 21.46 -18.46
N SER A 138 16.85 22.29 -17.81
CA SER A 138 16.84 22.41 -16.34
C SER A 138 16.28 21.15 -15.70
N ILE A 139 15.31 20.49 -16.33
CA ILE A 139 14.78 19.26 -15.71
C ILE A 139 15.82 18.10 -15.72
N VAL A 140 16.65 18.03 -16.74
CA VAL A 140 17.76 17.09 -16.84
C VAL A 140 18.88 17.46 -15.83
N LEU A 141 19.31 18.70 -15.81
CA LEU A 141 20.33 19.12 -14.82
C LEU A 141 19.83 18.85 -13.38
N LEU A 142 18.58 19.20 -13.07
CA LEU A 142 18.04 19.02 -11.69
C LEU A 142 17.81 17.56 -11.30
N THR A 143 17.65 16.70 -12.31
CA THR A 143 17.65 15.24 -12.03
C THR A 143 19.08 14.82 -11.54
N LYS A 144 20.11 15.33 -12.16
CA LYS A 144 21.50 15.12 -11.70
C LYS A 144 21.71 15.62 -10.28
N VAL A 145 21.26 16.83 -10.00
CA VAL A 145 21.41 17.44 -8.68
C VAL A 145 20.65 16.59 -7.66
N GLY A 146 19.40 16.24 -7.95
CA GLY A 146 18.49 15.70 -6.96
C GLY A 146 18.84 14.25 -6.59
N THR A 147 19.19 13.46 -7.60
CA THR A 147 19.56 12.03 -7.35
C THR A 147 20.83 12.06 -6.49
N ARG A 148 21.77 12.88 -6.87
CA ARG A 148 23.00 12.95 -6.06
C ARG A 148 22.80 13.46 -4.65
N TRP A 149 22.05 14.55 -4.45
CA TRP A 149 21.78 15.08 -3.14
C TRP A 149 21.08 13.99 -2.27
N ALA A 150 20.23 13.18 -2.89
CA ALA A 150 19.48 12.13 -2.16
C ALA A 150 20.30 10.84 -1.90
N GLY A 151 21.51 10.78 -2.45
CA GLY A 151 22.40 9.64 -2.22
C GLY A 151 22.06 8.47 -3.12
N VAL A 152 21.29 8.73 -4.20
CA VAL A 152 20.83 7.72 -5.15
C VAL A 152 21.79 7.72 -6.36
N GLN A 153 22.33 6.58 -6.76
CA GLN A 153 23.23 6.52 -7.92
C GLN A 153 22.39 6.32 -9.16
N ALA A 154 22.54 7.23 -10.09
CA ALA A 154 21.75 7.16 -11.32
C ALA A 154 22.75 7.17 -12.46
N PRO A 155 22.92 6.04 -13.20
CA PRO A 155 23.89 6.02 -14.28
C PRO A 155 23.58 7.13 -15.30
N PRO A 156 24.61 7.74 -15.89
CA PRO A 156 24.36 8.86 -16.79
C PRO A 156 23.45 8.51 -17.96
N GLU A 157 23.57 7.28 -18.46
CA GLU A 157 22.75 6.80 -19.59
C GLU A 157 21.27 6.79 -19.25
N ASP A 158 20.92 6.82 -17.96
CA ASP A 158 19.55 6.71 -17.52
C ASP A 158 18.93 8.09 -17.13
N ILE A 159 19.73 9.13 -17.07
CA ILE A 159 19.23 10.44 -16.56
C ILE A 159 18.11 11.02 -17.43
N GLU A 160 18.27 11.00 -18.75
CA GLU A 160 17.17 11.52 -19.59
C GLU A 160 15.83 10.79 -19.38
N ARG A 161 15.84 9.47 -19.27
CA ARG A 161 14.65 8.64 -18.97
C ARG A 161 14.06 9.01 -17.65
N ILE A 162 14.92 9.09 -16.65
CA ILE A 162 14.43 9.38 -15.32
C ILE A 162 13.76 10.79 -15.32
N ALA A 163 14.39 11.76 -15.98
CA ALA A 163 13.87 13.13 -16.01
C ALA A 163 12.48 13.17 -16.67
N THR A 164 12.35 12.41 -17.75
CA THR A 164 11.07 12.32 -18.47
C THR A 164 10.00 11.69 -17.60
N ASP A 165 10.34 10.60 -16.91
CA ASP A 165 9.41 9.97 -15.97
C ASP A 165 8.96 10.87 -14.85
N MET A 166 9.92 11.63 -14.26
CA MET A 166 9.56 12.55 -13.26
C MET A 166 8.57 13.60 -13.87
N ASP A 167 8.90 14.10 -15.04
CA ASP A 167 8.09 15.20 -15.68
C ASP A 167 6.63 14.78 -15.81
N ILE A 168 6.44 13.54 -16.26
CA ILE A 168 5.10 12.91 -16.41
C ILE A 168 4.37 12.89 -15.08
N MET A 169 5.09 12.48 -14.03
CA MET A 169 4.44 12.42 -12.69
C MET A 169 4.07 13.80 -12.20
N ILE A 170 5.02 14.74 -12.36
CA ILE A 170 4.84 16.08 -11.82
C ILE A 170 3.56 16.75 -12.47
N ASP A 171 3.41 16.57 -13.77
CA ASP A 171 2.34 17.15 -14.58
C ASP A 171 0.97 16.51 -14.29
N SER A 172 0.93 15.39 -13.54
CA SER A 172 -0.25 14.53 -13.50
C SER A 172 -1.38 14.99 -12.61
N PHE A 173 -1.29 16.19 -12.02
CA PHE A 173 -2.41 16.78 -11.37
C PHE A 173 -3.33 17.59 -12.33
N ARG A 174 -2.97 17.63 -13.60
CA ARG A 174 -3.61 18.49 -14.61
C ARG A 174 -5.13 18.25 -14.71
N ALA A 175 -5.57 17.02 -14.48
CA ALA A 175 -7.01 16.71 -14.61
C ALA A 175 -7.73 16.69 -13.26
N LEU A 176 -7.06 17.16 -12.18
CA LEU A 176 -7.62 17.24 -10.83
C LEU A 176 -8.23 15.93 -10.40
N GLY A 177 -7.66 14.83 -10.90
CA GLY A 177 -8.04 13.51 -10.42
C GLY A 177 -8.95 12.79 -11.41
N GLY A 178 -9.36 13.49 -12.47
CA GLY A 178 -10.18 12.85 -13.54
C GLY A 178 -9.37 11.97 -14.47
N ALA A 179 -10.04 11.10 -15.24
CA ALA A 179 -9.32 10.32 -16.26
C ALA A 179 -8.78 11.25 -17.32
N PHE A 180 -7.66 10.90 -17.95
CA PHE A 180 -7.06 11.75 -18.97
C PHE A 180 -6.16 10.87 -19.82
N LYS A 181 -5.88 11.32 -21.05
CA LYS A 181 -5.12 10.53 -22.03
C LYS A 181 -3.81 9.89 -21.43
N GLY A 182 -2.94 10.69 -20.84
CA GLY A 182 -1.71 10.13 -20.22
C GLY A 182 -1.80 9.45 -18.85
N TYR A 183 -2.97 9.14 -18.32
CA TYR A 183 -3.04 8.57 -16.94
C TYR A 183 -2.27 7.23 -16.84
N LYS A 184 -2.51 6.31 -17.76
CA LYS A 184 -1.84 5.01 -17.71
C LYS A 184 -0.32 5.14 -17.85
N ALA A 185 0.11 6.00 -18.75
CA ALA A 185 1.53 6.20 -18.96
C ALA A 185 2.16 6.78 -17.71
N SER A 186 1.40 7.61 -17.01
CA SER A 186 1.80 8.24 -15.75
C SER A 186 2.03 7.21 -14.64
N LYS A 187 1.11 6.26 -14.51
CA LYS A 187 1.31 5.14 -13.55
C LYS A 187 2.50 4.27 -13.86
N GLU A 188 2.72 4.02 -15.14
CA GLU A 188 3.86 3.20 -15.55
C GLU A 188 5.21 3.91 -15.29
N ALA A 189 5.25 5.23 -15.50
CA ALA A 189 6.45 6.04 -15.15
C ALA A 189 6.78 5.92 -13.65
N ARG A 190 5.77 6.08 -12.84
CA ARG A 190 5.87 5.98 -11.38
C ARG A 190 6.35 4.61 -10.97
N ARG A 191 5.80 3.57 -11.60
CA ARG A 191 6.25 2.21 -11.30
C ARG A 191 7.71 2.02 -11.56
N ARG A 192 8.20 2.52 -12.68
CA ARG A 192 9.57 2.37 -13.05
C ARG A 192 10.48 3.03 -12.00
N VAL A 193 10.07 4.23 -11.57
CA VAL A 193 10.90 5.00 -10.62
C VAL A 193 10.81 4.34 -9.20
N GLU A 194 9.63 3.94 -8.75
CA GLU A 194 9.48 3.20 -7.46
C GLU A 194 10.31 1.91 -7.43
N ASP A 195 10.28 1.15 -8.53
CA ASP A 195 11.06 -0.13 -8.60
C ASP A 195 12.55 0.08 -8.42
N TRP A 196 13.06 1.07 -9.16
CA TRP A 196 14.43 1.47 -9.13
C TRP A 196 14.86 1.87 -7.72
N LEU A 197 14.03 2.72 -7.08
CA LEU A 197 14.33 3.18 -5.70
C LEU A 197 14.21 2.01 -4.69
N GLU A 198 13.24 1.14 -4.89
CA GLU A 198 13.08 0.02 -3.93
C GLU A 198 14.30 -0.86 -3.96
N GLU A 199 14.88 -1.06 -5.15
CA GLU A 199 16.05 -1.87 -5.29
C GLU A 199 17.19 -1.21 -4.47
N GLN A 200 17.32 0.12 -4.57
CA GLN A 200 18.38 0.80 -3.83
C GLN A 200 18.19 0.71 -2.30
N ILE A 201 16.93 0.75 -1.85
CA ILE A 201 16.68 0.64 -0.40
C ILE A 201 17.04 -0.80 0.08
N ILE A 202 16.67 -1.77 -0.74
CA ILE A 202 16.89 -3.19 -0.39
C ILE A 202 18.38 -3.43 -0.31
N GLU A 203 19.11 -3.01 -1.34
CA GLU A 203 20.55 -3.21 -1.37
C GLU A 203 21.29 -2.45 -0.30
N THR A 204 20.77 -1.30 0.11
CA THR A 204 21.32 -0.58 1.24
C THR A 204 21.14 -1.34 2.58
N ARG A 205 19.92 -1.81 2.80
CA ARG A 205 19.57 -2.58 4.01
C ARG A 205 20.35 -3.88 4.06
N LYS A 206 20.61 -4.46 2.88
CA LYS A 206 21.35 -5.73 2.78
C LYS A 206 22.79 -5.52 2.95
N GLY A 207 23.24 -4.29 2.76
CA GLY A 207 24.62 -3.93 3.00
C GLY A 207 25.44 -4.09 1.73
N ASN A 208 24.77 -4.27 0.59
CA ASN A 208 25.52 -4.43 -0.69
C ASN A 208 25.93 -3.12 -1.31
N ILE A 209 25.23 -2.04 -0.96
CA ILE A 209 25.73 -0.68 -1.22
C ILE A 209 25.82 0.18 0.04
N HIS A 210 26.59 1.25 -0.03
CA HIS A 210 26.89 2.03 1.14
C HIS A 210 26.69 3.53 0.90
N PRO A 211 25.43 4.00 0.78
CA PRO A 211 25.26 5.44 0.65
C PRO A 211 25.80 6.24 1.85
N PRO A 212 26.23 7.51 1.65
CA PRO A 212 26.76 8.27 2.76
C PRO A 212 25.78 8.58 3.85
N GLU A 213 26.25 8.55 5.10
CA GLU A 213 25.43 8.98 6.20
C GLU A 213 24.92 10.41 5.94
N GLY A 214 23.70 10.69 6.35
CA GLY A 214 23.05 12.04 6.14
C GLY A 214 22.36 12.23 4.80
N THR A 215 22.55 11.30 3.89
CA THR A 215 21.78 11.30 2.62
C THR A 215 20.39 10.77 2.82
N ALA A 216 19.45 11.23 2.00
CA ALA A 216 18.08 10.61 2.08
C ALA A 216 18.09 9.06 2.00
N LEU A 217 18.79 8.49 1.03
CA LEU A 217 18.73 7.04 0.83
C LEU A 217 19.22 6.35 2.13
N TYR A 218 20.36 6.81 2.63
CA TYR A 218 20.87 6.24 3.93
C TYR A 218 19.89 6.38 5.04
N GLU A 219 19.44 7.62 5.31
CA GLU A 219 18.58 7.88 6.45
C GLU A 219 17.20 7.22 6.34
N PHE A 220 16.61 7.23 5.15
CA PHE A 220 15.29 6.54 4.93
C PHE A 220 15.47 5.00 5.06
N ALA A 221 16.54 4.44 4.52
CA ALA A 221 16.72 2.96 4.61
C ALA A 221 16.83 2.50 6.07
N HIS A 222 17.48 3.30 6.89
CA HIS A 222 17.81 2.90 8.28
C HIS A 222 16.88 3.42 9.33
N TRP A 223 15.97 4.35 9.00
CA TRP A 223 15.11 4.95 10.00
C TRP A 223 14.14 3.96 10.63
N GLU A 224 13.83 4.20 11.91
CA GLU A 224 12.74 3.46 12.59
C GLU A 224 11.71 4.43 13.01
N ASP A 225 10.47 4.06 12.82
CA ASP A 225 9.40 4.87 13.23
C ASP A 225 9.23 4.85 14.75
N TYR A 226 8.25 5.58 15.25
CA TYR A 226 8.08 5.77 16.70
C TYR A 226 7.76 4.51 17.47
N LEU A 227 7.27 3.49 16.77
CA LEU A 227 6.97 2.19 17.40
C LEU A 227 8.16 1.25 17.27
N GLY A 228 9.24 1.66 16.60
CA GLY A 228 10.49 0.93 16.49
C GLY A 228 10.69 0.15 15.20
N ASN A 229 9.78 0.36 14.23
CA ASN A 229 9.84 -0.30 12.92
C ASN A 229 10.37 0.51 11.75
N PRO A 230 11.34 -0.02 11.03
CA PRO A 230 11.62 0.58 9.71
C PRO A 230 10.42 0.56 8.75
N MET A 231 10.37 1.48 7.79
CA MET A 231 9.35 1.39 6.74
C MET A 231 9.51 0.15 5.88
N ASP A 232 8.41 -0.40 5.39
CA ASP A 232 8.56 -1.47 4.42
C ASP A 232 9.16 -0.84 3.18
N SER A 233 9.87 -1.66 2.41
CA SER A 233 10.75 -1.16 1.39
C SER A 233 10.01 -0.38 0.30
N ARG A 234 8.80 -0.80 -0.06
CA ARG A 234 8.03 -0.03 -1.07
C ARG A 234 7.62 1.33 -0.57
N THR A 235 7.07 1.41 0.63
CA THR A 235 6.75 2.72 1.23
C THR A 235 7.99 3.57 1.34
N CYS A 236 9.11 2.95 1.69
CA CYS A 236 10.34 3.66 1.92
C CYS A 236 10.83 4.28 0.56
N ALA A 237 10.64 3.55 -0.53
CA ALA A 237 10.97 4.00 -1.91
C ALA A 237 10.09 5.15 -2.33
N ILE A 238 8.82 5.06 -2.02
CA ILE A 238 7.84 6.08 -2.32
C ILE A 238 8.19 7.42 -1.60
N ASP A 239 8.48 7.34 -0.31
CA ASP A 239 8.83 8.55 0.40
C ASP A 239 10.23 9.04 0.08
N LEU A 240 11.13 8.13 -0.25
CA LEU A 240 12.45 8.55 -0.77
C LEU A 240 12.29 9.35 -2.07
N MET A 241 11.34 8.97 -2.91
CA MET A 241 11.13 9.77 -4.14
C MET A 241 10.66 11.17 -3.79
N ASN A 242 9.91 11.32 -2.69
CA ASN A 242 9.36 12.60 -2.27
C ASN A 242 10.42 13.58 -1.76
N THR A 243 11.66 13.12 -1.65
CA THR A 243 12.82 13.97 -1.29
C THR A 243 13.49 14.58 -2.51
N PHE A 244 13.21 14.06 -3.70
CA PHE A 244 13.83 14.61 -4.89
C PHE A 244 13.01 14.76 -6.19
N ARG A 245 11.89 14.04 -6.35
CA ARG A 245 10.97 14.38 -7.49
C ARG A 245 10.55 15.84 -7.42
N PRO A 246 10.20 16.33 -6.25
CA PRO A 246 9.80 17.76 -6.20
C PRO A 246 10.99 18.75 -6.36
N LEU A 247 12.19 18.29 -6.06
CA LEU A 247 13.40 19.03 -6.41
C LEU A 247 13.53 19.18 -7.90
N ILE A 248 13.36 18.09 -8.63
CA ILE A 248 13.36 18.07 -10.06
C ILE A 248 12.26 19.01 -10.66
N ALA A 249 11.13 19.09 -9.99
CA ALA A 249 10.00 20.03 -10.35
C ALA A 249 10.32 21.48 -10.30
N ILE A 250 11.44 21.83 -9.60
CA ILE A 250 11.92 23.19 -9.66
C ILE A 250 12.15 23.66 -11.07
N ASN A 251 12.31 22.74 -12.02
CA ASN A 251 12.45 23.12 -13.44
C ASN A 251 11.31 24.08 -13.89
N ARG A 252 10.12 23.90 -13.32
CA ARG A 252 8.98 24.80 -13.59
C ARG A 252 9.31 26.23 -13.24
N PHE A 253 9.92 26.37 -12.07
CA PHE A 253 10.31 27.70 -11.53
C PHE A 253 11.52 28.23 -12.24
N VAL A 254 12.42 27.36 -12.75
CA VAL A 254 13.56 27.84 -13.50
C VAL A 254 13.07 28.50 -14.82
N SER A 255 12.19 27.79 -15.52
CA SER A 255 11.57 28.36 -16.73
C SER A 255 10.90 29.68 -16.41
N PHE A 256 10.10 29.74 -15.36
CA PHE A 256 9.44 30.97 -15.00
C PHE A 256 10.39 32.09 -14.61
N GLY A 257 11.51 31.75 -13.93
CA GLY A 257 12.47 32.79 -13.61
C GLY A 257 13.18 33.43 -14.75
N LEU A 258 13.56 32.65 -15.77
CA LEU A 258 14.13 33.20 -16.99
C LEU A 258 13.07 34.12 -17.68
N HIS A 259 11.84 33.66 -17.70
CA HIS A 259 10.71 34.46 -18.23
C HIS A 259 10.61 35.79 -17.53
N ALA A 260 10.69 35.79 -16.20
CA ALA A 260 10.62 37.03 -15.42
C ALA A 260 11.80 37.98 -15.71
N MET A 261 13.01 37.43 -15.81
N MET A 261 13.01 37.44 -15.82
CA MET A 261 14.19 38.24 -16.14
CA MET A 261 14.17 38.25 -16.18
C MET A 261 14.10 38.84 -17.52
C MET A 261 14.07 38.86 -17.53
N ASN A 262 13.51 38.11 -18.46
CA ASN A 262 13.29 38.60 -19.82
C ASN A 262 12.22 39.68 -19.84
N GLU A 263 11.17 39.52 -19.09
CA GLU A 263 10.09 40.46 -19.07
C GLU A 263 10.44 41.76 -18.27
N ASN A 264 11.39 41.65 -17.35
CA ASN A 264 11.79 42.70 -16.40
C ASN A 264 13.31 42.79 -16.33
N PRO A 265 13.95 43.28 -17.38
CA PRO A 265 15.40 43.23 -17.50
C PRO A 265 16.20 43.93 -16.41
N ILE A 266 15.57 44.85 -15.67
CA ILE A 266 16.23 45.46 -14.53
C ILE A 266 16.64 44.38 -13.48
N THR A 267 15.84 43.31 -13.39
CA THR A 267 16.07 42.27 -12.38
C THR A 267 17.44 41.62 -12.59
N ARG A 268 17.87 41.48 -13.85
CA ARG A 268 19.11 40.82 -14.20
C ARG A 268 20.26 41.54 -13.59
N GLU A 269 20.26 42.84 -13.80
CA GLU A 269 21.30 43.71 -13.28
C GLU A 269 21.39 43.62 -11.77
N LYS A 270 20.24 43.60 -11.09
CA LYS A 270 20.22 43.53 -9.66
C LYS A 270 20.65 42.16 -9.10
N ILE A 271 20.25 41.09 -9.78
CA ILE A 271 20.73 39.75 -9.37
C ILE A 271 22.30 39.78 -9.38
N LYS A 272 22.88 40.41 -10.39
CA LYS A 272 24.36 40.51 -10.51
C LYS A 272 24.96 41.41 -9.42
N SER A 273 24.41 42.60 -9.23
CA SER A 273 25.14 43.63 -8.46
C SER A 273 24.75 43.64 -7.00
N GLU A 274 23.58 43.15 -6.66
CA GLU A 274 23.00 43.51 -5.39
C GLU A 274 22.88 42.35 -4.40
N PRO A 275 23.53 42.53 -3.23
CA PRO A 275 23.48 41.56 -2.17
C PRO A 275 22.05 41.37 -1.70
N ASP A 276 21.74 40.10 -1.56
CA ASP A 276 20.47 39.60 -1.09
C ASP A 276 19.40 39.60 -2.20
N TYR A 277 19.66 40.14 -3.39
CA TYR A 277 18.54 40.30 -4.37
C TYR A 277 18.11 38.93 -4.98
N ALA A 278 19.09 38.04 -5.21
CA ALA A 278 18.77 36.73 -5.77
C ALA A 278 17.75 36.01 -4.88
N TYR A 279 17.85 36.17 -3.56
CA TYR A 279 16.89 35.62 -2.61
C TYR A 279 15.48 36.19 -2.82
N LYS A 280 15.41 37.50 -2.94
CA LYS A 280 14.11 38.19 -3.18
C LYS A 280 13.50 37.79 -4.49
N PHE A 281 14.31 37.71 -5.53
CA PHE A 281 13.88 37.27 -6.86
C PHE A 281 13.31 35.86 -6.79
N ALA A 282 14.03 34.95 -6.12
CA ALA A 282 13.51 33.60 -6.00
C ALA A 282 12.13 33.56 -5.30
N GLN A 283 12.00 34.25 -4.18
CA GLN A 283 10.74 34.31 -3.48
C GLN A 283 9.61 34.84 -4.39
N GLU A 284 9.92 35.81 -5.18
CA GLU A 284 8.93 36.43 -6.01
C GLU A 284 8.52 35.56 -7.19
N VAL A 285 9.40 34.69 -7.67
CA VAL A 285 8.99 33.72 -8.67
C VAL A 285 7.97 32.78 -8.05
N ARG A 286 8.26 32.28 -6.84
CA ARG A 286 7.36 31.35 -6.17
C ARG A 286 5.99 31.97 -5.89
N ARG A 287 5.96 33.25 -5.54
CA ARG A 287 4.68 33.95 -5.21
C ARG A 287 3.88 34.23 -6.45
N TYR A 288 4.56 34.78 -7.45
CA TYR A 288 3.89 35.33 -8.64
C TYR A 288 3.42 34.31 -9.65
N TYR A 289 4.22 33.29 -9.93
CA TYR A 289 3.88 32.32 -10.97
C TYR A 289 3.01 31.19 -10.50
N PRO A 290 2.12 30.71 -11.37
CA PRO A 290 1.22 29.63 -11.00
C PRO A 290 1.87 28.23 -10.97
N PHE A 291 1.61 27.50 -9.89
CA PHE A 291 1.99 26.09 -9.87
C PHE A 291 0.90 25.31 -9.17
N VAL A 292 0.82 25.42 -7.84
CA VAL A 292 -0.21 24.71 -7.08
C VAL A 292 -1.51 25.54 -7.04
N PRO A 293 -2.61 25.01 -7.60
CA PRO A 293 -3.84 25.88 -7.62
C PRO A 293 -4.52 26.00 -6.24
N PHE A 294 -4.64 24.85 -5.56
CA PHE A 294 -5.35 24.72 -4.32
C PHE A 294 -5.10 23.33 -3.72
N LEU A 295 -5.44 23.17 -2.44
CA LEU A 295 -5.20 21.94 -1.69
C LEU A 295 -6.51 21.45 -1.01
N PRO A 296 -6.76 20.15 -1.06
CA PRO A 296 -8.05 19.61 -0.53
C PRO A 296 -7.92 19.13 0.88
N GLY A 297 -9.00 19.35 1.65
CA GLY A 297 -9.10 18.85 3.03
C GLY A 297 -10.59 18.58 3.33
N LYS A 298 -10.90 18.30 4.58
CA LYS A 298 -12.31 18.03 4.98
C LYS A 298 -12.52 18.54 6.38
N ALA A 299 -13.65 19.20 6.61
CA ALA A 299 -14.05 19.60 7.97
C ALA A 299 -14.40 18.39 8.82
N LYS A 300 -13.75 18.28 9.97
CA LYS A 300 -13.95 17.12 10.88
C LYS A 300 -15.20 17.35 11.74
N VAL A 301 -15.49 18.63 11.97
CA VAL A 301 -16.59 19.11 12.80
C VAL A 301 -17.12 20.37 12.12
N ASP A 302 -18.24 20.92 12.61
CA ASP A 302 -18.72 22.21 12.15
C ASP A 302 -17.65 23.24 12.45
N ILE A 303 -17.45 24.17 11.51
CA ILE A 303 -16.45 25.22 11.70
C ILE A 303 -17.07 26.56 11.41
N ASP A 304 -17.01 27.46 12.37
CA ASP A 304 -17.45 28.84 12.16
C ASP A 304 -16.36 29.72 11.54
N PHE A 305 -16.61 30.32 10.39
CA PHE A 305 -15.52 30.93 9.61
C PHE A 305 -16.04 32.11 8.80
N GLN A 306 -15.48 33.30 8.99
CA GLN A 306 -15.86 34.47 8.19
C GLN A 306 -17.39 34.63 8.03
N GLY A 307 -18.15 34.35 9.10
CA GLY A 307 -19.59 34.64 9.11
C GLY A 307 -20.48 33.50 8.65
N VAL A 308 -19.90 32.36 8.26
CA VAL A 308 -20.68 31.21 7.87
C VAL A 308 -20.27 30.03 8.73
N THR A 309 -21.03 28.95 8.60
CA THR A 309 -20.67 27.72 9.24
C THR A 309 -20.35 26.73 8.14
N ILE A 310 -19.17 26.14 8.24
CA ILE A 310 -18.80 25.04 7.36
C ILE A 310 -19.22 23.74 8.04
N PRO A 311 -20.19 23.03 7.44
CA PRO A 311 -20.67 21.84 8.11
C PRO A 311 -19.64 20.72 8.19
N ALA A 312 -19.69 19.93 9.25
CA ALA A 312 -18.86 18.76 9.34
C ALA A 312 -19.08 17.88 8.11
N GLY A 313 -17.99 17.31 7.63
CA GLY A 313 -17.98 16.36 6.52
C GLY A 313 -17.84 16.95 5.15
N VAL A 314 -17.99 18.27 5.03
CA VAL A 314 -17.86 18.91 3.74
C VAL A 314 -16.36 19.09 3.39
N GLY A 315 -16.05 19.09 2.10
CA GLY A 315 -14.67 19.33 1.70
C GLY A 315 -14.29 20.78 1.87
N LEU A 316 -12.97 21.01 1.92
CA LEU A 316 -12.36 22.32 2.02
C LEU A 316 -11.29 22.39 0.95
N ALA A 317 -11.14 23.55 0.32
CA ALA A 317 -10.08 23.81 -0.63
C ALA A 317 -9.40 25.07 -0.21
N LEU A 318 -8.11 24.95 0.17
CA LEU A 318 -7.32 26.12 0.46
C LEU A 318 -6.83 26.70 -0.86
N ASP A 319 -7.13 27.97 -1.10
CA ASP A 319 -6.84 28.60 -2.38
C ASP A 319 -5.41 29.14 -2.34
N VAL A 320 -4.49 28.35 -2.93
CA VAL A 320 -3.06 28.70 -2.93
C VAL A 320 -2.77 29.87 -3.87
N TYR A 321 -3.14 29.74 -5.15
CA TYR A 321 -2.97 30.84 -6.10
C TYR A 321 -3.67 32.11 -5.66
N GLY A 322 -4.88 31.99 -5.12
CA GLY A 322 -5.63 33.18 -4.64
C GLY A 322 -4.99 33.91 -3.50
N THR A 323 -4.41 33.15 -2.59
CA THR A 323 -3.72 33.75 -1.46
C THR A 323 -2.45 34.44 -1.88
N THR A 324 -1.67 33.79 -2.76
CA THR A 324 -0.41 34.42 -3.22
C THR A 324 -0.66 35.63 -4.13
N HIS A 325 -1.92 35.80 -4.54
CA HIS A 325 -2.29 36.89 -5.45
C HIS A 325 -3.37 37.78 -4.84
N ASP A 326 -3.44 37.78 -3.51
CA ASP A 326 -4.48 38.51 -2.77
C ASP A 326 -4.10 39.98 -2.72
N GLU A 327 -4.99 40.83 -3.22
CA GLU A 327 -4.78 42.27 -3.28
C GLU A 327 -4.51 42.90 -1.95
N SER A 328 -5.17 42.41 -0.91
CA SER A 328 -4.97 43.00 0.41
C SER A 328 -3.66 42.61 1.03
N LEU A 329 -3.10 41.46 0.65
CA LEU A 329 -1.85 40.98 1.26
C LEU A 329 -0.64 41.50 0.56
N TRP A 330 -0.76 41.76 -0.74
CA TRP A 330 0.40 42.09 -1.57
C TRP A 330 -0.21 43.31 -2.19
N ASP A 331 0.48 44.36 -2.50
CA ASP A 331 -0.40 45.55 -2.89
C ASP A 331 -0.83 45.51 -4.37
N ASP A 332 0.16 45.14 -5.14
CA ASP A 332 0.08 44.97 -6.55
C ASP A 332 0.41 43.49 -6.80
N PRO A 333 -0.56 42.60 -6.51
CA PRO A 333 -0.25 41.15 -6.56
C PRO A 333 0.09 40.61 -7.95
N ASN A 334 -0.33 41.32 -9.02
CA ASN A 334 -0.11 40.84 -10.36
C ASN A 334 1.04 41.56 -11.03
N GLU A 335 1.93 42.15 -10.24
CA GLU A 335 3.17 42.68 -10.73
C GLU A 335 4.33 41.88 -10.11
N PHE A 336 5.37 41.70 -10.90
CA PHE A 336 6.61 40.97 -10.45
C PHE A 336 7.55 41.99 -9.86
N ARG A 337 7.66 41.99 -8.54
CA ARG A 337 8.41 43.04 -7.83
C ARG A 337 9.15 42.44 -6.63
N PRO A 338 10.32 41.85 -6.87
CA PRO A 338 11.11 41.26 -5.77
C PRO A 338 11.35 42.13 -4.55
N GLU A 339 11.45 43.45 -4.74
CA GLU A 339 11.63 44.36 -3.60
C GLU A 339 10.51 44.26 -2.55
N ARG A 340 9.35 43.72 -2.89
CA ARG A 340 8.32 43.58 -1.94
C ARG A 340 8.80 42.76 -0.75
N PHE A 341 9.78 41.89 -0.96
CA PHE A 341 10.27 41.05 0.13
C PHE A 341 11.18 41.77 1.11
N GLU A 342 11.52 43.03 0.84
CA GLU A 342 12.18 43.86 1.85
C GLU A 342 11.28 44.10 3.06
N THR A 343 9.96 44.08 2.88
CA THR A 343 9.02 44.34 3.97
C THR A 343 8.14 43.13 4.38
N TRP A 344 8.36 41.96 3.82
CA TRP A 344 7.57 40.80 4.23
C TRP A 344 8.01 40.36 5.62
N ASP A 345 7.04 40.13 6.51
CA ASP A 345 7.36 39.82 7.90
C ASP A 345 7.59 38.32 8.17
N GLY A 346 7.58 37.48 7.12
CA GLY A 346 7.84 36.06 7.30
C GLY A 346 6.66 35.25 7.73
N SER A 347 5.43 35.79 7.64
CA SER A 347 4.22 35.02 7.96
C SER A 347 4.15 33.61 7.36
N PRO A 348 3.73 32.61 8.18
CA PRO A 348 3.47 31.29 7.60
C PRO A 348 2.18 31.16 6.78
N PHE A 349 1.39 32.25 6.63
CA PHE A 349 0.02 32.12 6.15
C PHE A 349 -0.28 33.01 4.91
N ASP A 350 0.70 33.79 4.42
CA ASP A 350 0.48 34.54 3.17
C ASP A 350 1.30 33.98 1.97
N LEU A 351 2.62 33.81 2.19
CA LEU A 351 3.46 33.24 1.12
C LEU A 351 3.34 31.75 1.23
N ILE A 352 2.29 31.18 0.60
CA ILE A 352 1.97 29.75 0.70
C ILE A 352 1.96 28.96 -0.61
N PRO A 353 2.87 29.26 -1.57
CA PRO A 353 2.85 28.49 -2.83
C PRO A 353 3.21 27.01 -2.69
N GLN A 354 3.84 26.66 -1.57
CA GLN A 354 4.21 25.26 -1.28
C GLN A 354 3.57 24.83 0.03
N GLY A 355 2.39 25.40 0.29
CA GLY A 355 1.72 25.26 1.57
C GLY A 355 1.98 26.27 2.63
N GLY A 356 1.15 26.18 3.68
CA GLY A 356 1.27 26.99 4.84
C GLY A 356 1.37 26.24 6.16
N GLY A 357 1.30 26.98 7.26
CA GLY A 357 1.36 26.35 8.56
C GLY A 357 2.75 26.00 9.04
N ASP A 358 2.81 25.02 9.92
CA ASP A 358 4.07 24.61 10.58
C ASP A 358 4.70 23.42 9.84
N TYR A 359 5.99 23.47 9.58
CA TYR A 359 6.66 22.34 8.93
C TYR A 359 6.51 21.00 9.66
N TRP A 360 6.62 21.02 10.97
CA TRP A 360 6.75 19.80 11.74
C TRP A 360 5.42 19.10 12.00
N THR A 361 4.35 19.90 12.14
CA THR A 361 3.02 19.31 12.46
C THR A 361 1.94 19.42 11.40
N ASN A 362 2.22 20.19 10.33
CA ASN A 362 1.35 20.28 9.18
C ASN A 362 1.97 19.65 7.93
N HIS A 363 1.18 19.50 6.86
CA HIS A 363 1.64 18.95 5.60
C HIS A 363 2.47 19.94 4.73
N ARG A 364 2.88 21.07 5.31
CA ARG A 364 3.66 22.11 4.60
C ARG A 364 4.93 21.50 3.96
N CYS A 365 5.27 21.99 2.76
CA CYS A 365 6.44 21.52 2.03
C CYS A 365 7.70 21.48 2.90
N ALA A 366 8.40 20.34 2.87
CA ALA A 366 9.71 20.24 3.56
C ALA A 366 10.86 20.85 2.77
N GLY A 367 10.58 21.21 1.52
CA GLY A 367 11.63 21.56 0.55
C GLY A 367 11.72 23.02 0.24
N GLU A 368 11.11 23.88 1.02
CA GLU A 368 11.12 25.31 0.64
C GLU A 368 12.51 25.93 0.64
N TRP A 369 13.35 25.58 1.62
CA TRP A 369 14.73 26.07 1.64
C TRP A 369 15.49 25.59 0.44
N ILE A 370 15.40 24.32 0.11
CA ILE A 370 16.04 23.83 -1.05
C ILE A 370 15.57 24.55 -2.33
N THR A 371 14.26 24.77 -2.45
CA THR A 371 13.71 25.43 -3.64
C THR A 371 14.38 26.81 -3.80
N VAL A 372 14.36 27.59 -2.75
CA VAL A 372 14.89 28.95 -2.78
C VAL A 372 16.39 28.93 -3.06
N ILE A 373 17.12 28.00 -2.45
CA ILE A 373 18.58 27.89 -2.72
C ILE A 373 18.91 27.52 -4.16
N ILE A 374 18.18 26.58 -4.77
CA ILE A 374 18.41 26.19 -6.12
C ILE A 374 18.07 27.37 -7.04
N MET A 375 16.97 28.05 -6.70
CA MET A 375 16.55 29.19 -7.58
C MET A 375 17.54 30.34 -7.46
N GLU A 376 18.03 30.62 -6.24
CA GLU A 376 19.13 31.58 -6.12
C GLU A 376 20.30 31.27 -7.01
N GLU A 377 20.86 30.08 -6.90
CA GLU A 377 22.06 29.72 -7.64
C GLU A 377 21.80 29.66 -9.20
N THR A 378 20.65 29.14 -9.59
CA THR A 378 20.35 29.00 -10.97
C THR A 378 20.14 30.40 -11.58
N MET A 379 19.45 31.30 -10.87
CA MET A 379 19.21 32.68 -11.45
C MET A 379 20.51 33.46 -11.49
N LYS A 380 21.38 33.28 -10.48
CA LYS A 380 22.70 33.89 -10.47
C LYS A 380 23.52 33.44 -11.66
N TYR A 381 23.46 32.16 -11.98
CA TYR A 381 24.17 31.65 -13.16
C TYR A 381 23.70 32.31 -14.49
N PHE A 382 22.43 32.26 -14.71
CA PHE A 382 21.86 32.82 -15.96
C PHE A 382 22.04 34.32 -16.02
N ALA A 383 22.07 35.01 -14.86
CA ALA A 383 22.23 36.48 -14.84
C ALA A 383 23.65 36.91 -15.08
N GLU A 384 24.61 36.12 -14.54
CA GLU A 384 26.00 36.53 -14.45
C GLU A 384 27.01 35.78 -15.27
N LYS A 385 26.81 34.47 -15.40
CA LYS A 385 27.80 33.62 -15.98
C LYS A 385 27.76 33.40 -17.49
N ILE A 386 26.60 33.67 -18.08
CA ILE A 386 26.39 33.49 -19.50
C ILE A 386 25.60 34.72 -20.00
N THR A 387 25.80 34.99 -21.27
CA THR A 387 24.84 35.82 -22.08
C THR A 387 24.14 34.90 -23.06
N TYR A 388 23.01 35.37 -23.57
CA TYR A 388 22.25 34.59 -24.51
C TYR A 388 21.16 35.51 -25.09
N ASP A 389 20.61 35.07 -26.20
CA ASP A 389 19.51 35.78 -26.88
C ASP A 389 18.25 34.97 -26.67
N VAL A 390 17.11 35.67 -26.76
CA VAL A 390 15.84 35.07 -26.61
C VAL A 390 15.06 35.15 -27.95
N PRO A 391 14.94 34.04 -28.67
CA PRO A 391 14.24 34.12 -30.02
C PRO A 391 12.78 34.38 -29.91
N GLU A 392 12.18 34.84 -31.03
CA GLU A 392 10.74 34.90 -31.10
C GLU A 392 10.09 33.56 -30.83
N GLN A 393 9.13 33.53 -29.94
CA GLN A 393 8.54 32.31 -29.50
C GLN A 393 7.29 32.65 -28.72
N ASP A 394 6.58 31.62 -28.31
CA ASP A 394 5.39 31.81 -27.52
C ASP A 394 5.61 31.77 -26.01
N LEU A 395 5.62 32.97 -25.45
CA LEU A 395 6.00 33.19 -24.06
C LEU A 395 4.85 33.21 -23.15
N GLU A 396 3.63 32.94 -23.65
CA GLU A 396 2.43 33.03 -22.86
C GLU A 396 2.44 32.04 -21.69
N VAL A 397 2.02 32.50 -20.52
CA VAL A 397 1.68 31.64 -19.42
C VAL A 397 0.16 31.77 -19.32
N ASP A 398 -0.56 30.73 -19.73
CA ASP A 398 -2.05 30.76 -19.74
C ASP A 398 -2.59 30.48 -18.35
N LEU A 399 -3.15 31.50 -17.70
CA LEU A 399 -3.63 31.34 -16.33
C LEU A 399 -4.90 30.55 -16.26
N ASN A 400 -5.56 30.35 -17.41
CA ASN A 400 -6.75 29.51 -17.41
C ASN A 400 -6.42 28.02 -17.59
N SER A 401 -5.14 27.64 -17.62
CA SER A 401 -4.75 26.25 -17.87
C SER A 401 -3.84 25.68 -16.76
N ILE A 402 -4.39 24.78 -15.93
CA ILE A 402 -3.55 24.01 -14.95
C ILE A 402 -2.90 22.85 -15.69
N PRO A 403 -1.56 22.65 -15.53
CA PRO A 403 -0.58 23.37 -14.70
C PRO A 403 0.00 24.59 -15.43
N GLY A 404 0.61 25.49 -14.65
CA GLY A 404 1.30 26.67 -15.17
C GLY A 404 2.60 26.37 -15.93
N TYR A 405 2.65 26.77 -17.20
CA TYR A 405 3.82 26.61 -18.07
C TYR A 405 3.99 27.81 -18.97
N VAL A 406 5.21 28.15 -19.28
CA VAL A 406 5.51 29.00 -20.45
C VAL A 406 5.26 28.09 -21.64
N LYS A 407 4.42 28.50 -22.59
CA LYS A 407 4.10 27.57 -23.71
C LYS A 407 5.29 26.98 -24.43
N SER A 408 6.31 27.78 -24.73
CA SER A 408 7.48 27.35 -25.45
C SER A 408 8.41 26.51 -24.56
N GLY A 409 8.25 26.61 -23.25
CA GLY A 409 9.28 26.12 -22.31
C GLY A 409 10.33 27.16 -21.89
N PHE A 410 10.35 28.31 -22.56
CA PHE A 410 11.39 29.32 -22.53
C PHE A 410 12.68 28.88 -23.24
N VAL A 411 12.85 29.35 -24.46
CA VAL A 411 13.94 28.98 -25.29
C VAL A 411 14.95 30.08 -25.35
N ILE A 412 16.24 29.70 -25.27
CA ILE A 412 17.33 30.61 -25.47
C ILE A 412 18.28 30.10 -26.55
N LYS A 413 19.14 30.98 -27.06
CA LYS A 413 20.13 30.70 -28.09
C LYS A 413 21.35 31.48 -27.94
N ASN A 414 22.39 31.15 -28.69
N ASN A 414 22.39 31.10 -28.68
CA ASN A 414 23.64 31.93 -28.68
CA ASN A 414 23.68 31.78 -28.67
C ASN A 414 24.17 32.04 -27.26
C ASN A 414 24.18 32.01 -27.27
N VAL A 415 24.07 30.96 -26.48
CA VAL A 415 24.68 30.98 -25.17
C VAL A 415 26.19 31.14 -25.32
N ARG A 416 26.76 32.01 -24.50
CA ARG A 416 28.18 32.29 -24.48
C ARG A 416 28.62 32.59 -23.05
N GLU A 417 29.59 31.81 -22.55
CA GLU A 417 30.13 32.10 -21.22
C GLU A 417 30.68 33.48 -21.12
N VAL A 418 30.52 34.11 -19.96
CA VAL A 418 31.09 35.38 -19.69
C VAL A 418 32.50 35.15 -19.09
N VAL A 419 33.55 35.54 -19.79
CA VAL A 419 34.92 35.33 -19.31
C VAL A 419 35.77 36.53 -19.64
N ASP A 420 36.48 37.05 -18.64
CA ASP A 420 37.43 38.12 -18.88
C ASP A 420 38.75 37.46 -19.17
N ARG A 421 39.16 37.51 -20.44
CA ARG A 421 40.40 36.87 -20.91
C ARG A 421 41.56 37.88 -21.07
N THR A 422 41.39 39.09 -20.54
CA THR A 422 42.40 40.19 -20.66
C THR A 422 43.38 40.21 -19.48
N HIS B 5 28.36 -27.59 22.48
CA HIS B 5 28.04 -29.05 22.56
C HIS B 5 28.74 -29.72 21.41
N HIS B 6 28.08 -30.69 20.77
CA HIS B 6 28.73 -31.47 19.72
C HIS B 6 28.36 -30.99 18.32
N MET B 7 27.51 -29.96 18.25
CA MET B 7 27.05 -29.40 16.99
C MET B 7 27.47 -27.96 16.93
N ALA B 8 27.13 -27.28 15.86
CA ALA B 8 27.49 -25.86 15.73
C ALA B 8 26.46 -25.00 16.38
N THR B 9 26.86 -23.75 16.55
CA THR B 9 26.07 -22.80 17.27
C THR B 9 24.86 -22.32 16.42
N LEU B 10 23.73 -22.30 17.11
CA LEU B 10 22.47 -21.88 16.52
C LEU B 10 22.50 -20.35 16.41
N LYS B 11 22.35 -19.84 15.20
CA LYS B 11 22.28 -18.40 14.99
C LYS B 11 20.92 -17.83 15.39
N ARG B 12 20.94 -16.57 15.75
CA ARG B 12 19.79 -15.90 16.35
C ARG B 12 19.47 -14.58 15.65
N ASP B 13 18.19 -14.27 15.56
CA ASP B 13 17.70 -12.89 15.33
C ASP B 13 17.65 -12.32 16.75
N LYS B 14 18.72 -11.62 17.15
CA LYS B 14 18.90 -11.28 18.55
C LYS B 14 17.80 -10.36 19.09
N GLY B 15 17.53 -10.48 20.39
CA GLY B 15 16.50 -9.65 21.04
C GLY B 15 15.70 -10.37 22.08
N LEU B 16 15.20 -9.61 23.04
CA LEU B 16 14.45 -10.17 24.12
C LEU B 16 13.11 -10.64 23.57
N ASP B 17 12.55 -9.87 22.64
CA ASP B 17 11.29 -10.24 22.01
C ASP B 17 11.21 -9.53 20.65
N ASN B 18 11.01 -10.31 19.61
CA ASN B 18 10.93 -9.79 18.24
C ASN B 18 9.53 -9.80 17.64
N THR B 19 8.49 -9.89 18.45
CA THR B 19 7.11 -9.94 17.94
C THR B 19 6.78 -8.78 17.04
N LEU B 20 7.12 -7.55 17.44
CA LEU B 20 6.80 -6.44 16.53
C LEU B 20 7.49 -6.55 15.18
N LYS B 21 8.73 -7.03 15.19
CA LYS B 21 9.49 -7.14 13.96
C LYS B 21 8.88 -8.26 13.04
N VAL B 22 8.42 -9.36 13.64
CA VAL B 22 7.74 -10.39 12.93
C VAL B 22 6.45 -9.88 12.29
N LEU B 23 5.66 -9.10 13.03
CA LEU B 23 4.43 -8.53 12.50
C LEU B 23 4.73 -7.50 11.37
N LYS B 24 5.84 -6.80 11.52
CA LYS B 24 6.14 -5.76 10.53
C LYS B 24 6.63 -6.40 9.21
N GLN B 25 7.37 -7.50 9.29
CA GLN B 25 7.84 -8.19 8.10
C GLN B 25 6.88 -9.24 7.59
N GLY B 26 5.96 -9.67 8.46
CA GLY B 26 4.92 -10.61 8.04
C GLY B 26 5.39 -11.93 7.43
N TYR B 27 4.83 -12.29 6.27
CA TYR B 27 5.20 -13.51 5.57
C TYR B 27 6.66 -13.64 5.08
N LEU B 28 7.38 -12.52 5.08
CA LEU B 28 8.72 -12.45 4.66
C LEU B 28 9.71 -12.38 5.81
N TYR B 29 9.22 -12.29 7.07
CA TYR B 29 10.15 -12.32 8.25
C TYR B 29 11.18 -13.41 8.15
N THR B 30 10.73 -14.67 7.99
CA THR B 30 11.66 -15.79 8.14
C THR B 30 12.67 -15.86 7.01
N THR B 31 12.22 -15.55 5.81
CA THR B 31 13.21 -15.52 4.68
C THR B 31 14.17 -14.36 4.79
N ASN B 32 13.72 -13.19 5.24
CA ASN B 32 14.63 -12.08 5.55
C ASN B 32 15.71 -12.48 6.54
N GLN B 33 15.34 -13.20 7.59
CA GLN B 33 16.34 -13.60 8.57
C GLN B 33 17.29 -14.67 8.09
N ARG B 34 16.81 -15.68 7.36
CA ARG B 34 17.68 -16.71 6.82
C ARG B 34 18.72 -16.08 5.85
N ASN B 35 18.27 -15.09 5.09
CA ASN B 35 19.15 -14.42 4.15
C ASN B 35 20.20 -13.58 4.90
N ARG B 36 19.78 -12.76 5.86
CA ARG B 36 20.70 -11.92 6.58
C ARG B 36 21.70 -12.68 7.42
N LEU B 37 21.25 -13.78 8.03
CA LEU B 37 22.11 -14.59 8.88
C LEU B 37 22.81 -15.73 8.12
N ASN B 38 22.51 -15.89 6.84
CA ASN B 38 23.15 -16.91 5.99
C ASN B 38 23.05 -18.31 6.53
N THR B 39 21.82 -18.82 6.63
CA THR B 39 21.58 -20.11 7.29
C THR B 39 20.19 -20.63 6.89
N SER B 40 19.95 -21.93 7.09
CA SER B 40 18.61 -22.54 6.82
C SER B 40 17.78 -22.61 8.11
N VAL B 41 18.43 -22.35 9.25
CA VAL B 41 17.80 -22.48 10.58
C VAL B 41 18.28 -21.39 11.54
N PHE B 42 17.36 -20.79 12.29
CA PHE B 42 17.66 -19.76 13.24
C PHE B 42 16.68 -19.66 14.39
N GLN B 43 17.13 -19.03 15.49
CA GLN B 43 16.23 -18.80 16.62
C GLN B 43 15.84 -17.33 16.72
N THR B 44 14.62 -17.09 17.16
CA THR B 44 14.13 -15.77 17.44
C THR B 44 13.28 -15.88 18.70
N LYS B 45 13.05 -14.80 19.42
CA LYS B 45 12.10 -14.82 20.53
C LYS B 45 10.85 -14.07 20.17
N ALA B 46 9.71 -14.56 20.63
CA ALA B 46 8.44 -13.86 20.34
C ALA B 46 7.32 -14.28 21.28
N LEU B 47 6.21 -13.57 21.21
CA LEU B 47 5.03 -13.86 22.04
C LEU B 47 5.35 -13.67 23.52
N GLY B 48 6.24 -12.73 23.82
CA GLY B 48 6.64 -12.45 25.19
C GLY B 48 7.90 -13.15 25.63
N GLY B 49 8.90 -13.23 24.74
CA GLY B 49 10.22 -13.74 25.06
C GLY B 49 10.41 -15.23 24.87
N LYS B 50 9.44 -15.90 24.28
CA LYS B 50 9.59 -17.35 24.05
C LYS B 50 10.53 -17.59 22.88
N PRO B 51 11.50 -18.45 23.05
CA PRO B 51 12.42 -18.78 22.00
C PRO B 51 11.76 -19.77 21.04
N PHE B 52 11.85 -19.46 19.75
CA PHE B 52 11.38 -20.36 18.73
C PHE B 52 12.50 -20.61 17.75
N VAL B 53 12.78 -21.87 17.44
CA VAL B 53 13.67 -22.20 16.35
C VAL B 53 12.84 -22.39 15.11
N VAL B 54 13.12 -21.57 14.11
CA VAL B 54 12.36 -21.59 12.84
C VAL B 54 13.00 -22.58 11.87
N VAL B 55 12.23 -23.59 11.54
CA VAL B 55 12.66 -24.69 10.65
C VAL B 55 11.79 -24.66 9.37
N THR B 56 12.38 -25.11 8.25
CA THR B 56 11.77 -24.91 6.96
C THR B 56 12.12 -26.07 6.06
N GLY B 57 11.43 -26.12 4.93
CA GLY B 57 11.67 -27.18 3.96
C GLY B 57 11.10 -28.54 4.34
N LYS B 58 11.34 -29.51 3.47
CA LYS B 58 10.85 -30.88 3.75
C LYS B 58 11.45 -31.37 5.02
N GLU B 59 12.75 -31.10 5.22
CA GLU B 59 13.41 -31.64 6.44
C GLU B 59 12.83 -31.01 7.75
N GLY B 60 12.55 -29.73 7.70
CA GLY B 60 11.87 -29.01 8.80
C GLY B 60 10.50 -29.58 9.08
N ALA B 61 9.73 -29.82 8.01
CA ALA B 61 8.37 -30.34 8.19
C ALA B 61 8.38 -31.76 8.72
N GLU B 62 9.32 -32.58 8.22
CA GLU B 62 9.39 -33.97 8.70
C GLU B 62 9.69 -34.07 10.16
N MET B 63 10.64 -33.24 10.61
CA MET B 63 10.99 -33.21 12.01
C MET B 63 9.84 -32.64 12.86
N PHE B 64 9.25 -31.54 12.39
CA PHE B 64 8.14 -30.87 13.14
C PHE B 64 6.99 -31.78 13.42
N TYR B 65 6.72 -32.73 12.50
CA TYR B 65 5.63 -33.64 12.65
C TYR B 65 6.00 -35.01 13.27
N ASN B 66 7.21 -35.09 13.78
CA ASN B 66 7.61 -36.32 14.52
C ASN B 66 7.21 -36.21 15.97
N ASN B 67 6.10 -36.88 16.33
CA ASN B 67 5.45 -36.82 17.63
C ASN B 67 6.41 -37.40 18.67
N ASP B 68 7.45 -38.14 18.30
CA ASP B 68 8.36 -38.68 19.28
C ASP B 68 9.16 -37.57 19.97
N VAL B 69 9.40 -36.48 19.24
CA VAL B 69 10.37 -35.48 19.56
C VAL B 69 9.74 -34.03 19.63
N VAL B 70 8.55 -33.84 19.08
CA VAL B 70 7.90 -32.53 19.02
C VAL B 70 6.55 -32.59 19.65
N GLN B 71 6.29 -31.68 20.59
CA GLN B 71 4.93 -31.63 21.12
C GLN B 71 4.19 -30.36 20.72
N ARG B 72 2.89 -30.48 20.59
CA ARG B 72 2.05 -29.35 20.14
C ARG B 72 1.30 -28.78 21.35
N GLU B 73 1.23 -29.57 22.41
CA GLU B 73 0.47 -29.25 23.64
C GLU B 73 0.93 -27.95 24.26
N GLY B 74 -0.05 -27.07 24.48
CA GLY B 74 0.13 -25.75 25.04
C GLY B 74 0.79 -24.67 24.19
N MET B 75 0.99 -24.93 22.88
CA MET B 75 1.85 -24.06 22.07
C MET B 75 1.11 -23.04 21.22
N LEU B 76 -0.17 -23.24 20.99
CA LEU B 76 -0.94 -22.22 20.31
C LEU B 76 -1.18 -21.06 21.25
N PRO B 77 -0.97 -19.84 20.79
CA PRO B 77 -1.30 -18.69 21.67
C PRO B 77 -2.74 -18.73 22.17
N LYS B 78 -2.93 -18.49 23.47
CA LYS B 78 -4.24 -18.63 24.05
C LYS B 78 -5.30 -17.68 23.54
N ARG B 79 -4.92 -16.51 23.11
CA ARG B 79 -5.92 -15.58 22.57
C ARG B 79 -6.50 -16.05 21.22
N ILE B 80 -5.65 -16.78 20.48
CA ILE B 80 -6.08 -17.41 19.19
C ILE B 80 -6.94 -18.59 19.48
N VAL B 81 -6.65 -19.37 20.54
CA VAL B 81 -7.61 -20.37 20.97
C VAL B 81 -8.97 -19.75 21.27
N ASN B 82 -8.96 -18.60 21.97
CA ASN B 82 -10.22 -17.94 22.41
C ASN B 82 -11.07 -17.35 21.34
N THR B 83 -10.48 -17.09 20.16
CA THR B 83 -11.20 -16.50 19.05
C THR B 83 -11.41 -17.41 17.79
N LEU B 84 -10.30 -18.00 17.37
CA LEU B 84 -10.27 -18.73 16.11
C LEU B 84 -10.77 -20.16 16.27
N PHE B 85 -10.29 -20.89 17.25
CA PHE B 85 -10.53 -22.34 17.34
C PHE B 85 -11.53 -22.78 18.38
N GLY B 86 -11.57 -22.06 19.50
CA GLY B 86 -12.50 -22.41 20.60
C GLY B 86 -11.75 -23.16 21.70
N LYS B 87 -12.10 -22.87 22.94
CA LYS B 87 -11.55 -23.59 24.06
C LYS B 87 -11.90 -25.11 23.97
N GLY B 88 -10.88 -25.92 24.14
CA GLY B 88 -10.95 -27.34 24.18
C GLY B 88 -11.18 -27.98 22.82
N ALA B 89 -11.05 -27.16 21.77
CA ALA B 89 -11.18 -27.63 20.40
C ALA B 89 -10.16 -28.68 20.05
N ILE B 90 -10.34 -29.34 18.89
CA ILE B 90 -9.43 -30.41 18.41
C ILE B 90 -8.01 -29.91 18.29
N GLN B 91 -7.81 -28.64 17.89
CA GLN B 91 -6.47 -28.12 17.77
C GLN B 91 -5.72 -27.99 19.11
N THR B 92 -6.47 -27.98 20.23
CA THR B 92 -5.91 -27.81 21.57
C THR B 92 -5.63 -29.11 22.32
N VAL B 93 -6.06 -30.25 21.74
CA VAL B 93 -5.86 -31.52 22.43
C VAL B 93 -4.79 -32.36 21.76
N ASP B 94 -4.15 -33.25 22.53
CA ASP B 94 -3.06 -34.11 22.06
C ASP B 94 -3.21 -35.54 22.63
N GLY B 95 -2.34 -36.42 22.17
CA GLY B 95 -2.34 -37.82 22.60
C GLY B 95 -3.57 -38.57 22.19
N LYS B 96 -3.94 -39.50 23.04
CA LYS B 96 -4.98 -40.41 22.71
C LYS B 96 -6.28 -39.70 22.48
N LYS B 97 -6.58 -38.69 23.27
CA LYS B 97 -7.79 -37.97 23.08
C LYS B 97 -7.90 -37.25 21.71
N HIS B 98 -6.77 -36.77 21.25
CA HIS B 98 -6.68 -36.11 19.92
C HIS B 98 -6.88 -37.11 18.77
N VAL B 99 -6.11 -38.20 18.82
CA VAL B 99 -6.22 -39.18 17.77
C VAL B 99 -7.64 -39.69 17.64
N ASP B 100 -8.31 -39.93 18.78
CA ASP B 100 -9.67 -40.37 18.81
C ASP B 100 -10.64 -39.37 18.15
N ARG B 101 -10.52 -38.12 18.53
CA ARG B 101 -11.43 -37.10 18.02
C ARG B 101 -11.09 -36.78 16.53
N LYS B 102 -9.81 -36.83 16.18
CA LYS B 102 -9.39 -36.55 14.76
C LYS B 102 -10.03 -37.56 13.83
N ALA B 103 -10.19 -38.80 14.30
CA ALA B 103 -10.79 -39.78 13.48
C ALA B 103 -12.20 -39.46 13.14
N LEU B 104 -12.92 -38.81 14.07
CA LEU B 104 -14.26 -38.37 13.82
C LEU B 104 -14.28 -37.31 12.70
N PHE B 105 -13.37 -36.33 12.78
CA PHE B 105 -13.33 -35.33 11.67
C PHE B 105 -13.07 -36.04 10.31
N MET B 106 -12.12 -36.98 10.28
CA MET B 106 -11.63 -37.60 9.05
C MET B 106 -12.76 -38.49 8.50
N SER B 107 -13.64 -38.99 9.39
CA SER B 107 -14.74 -39.86 8.97
C SER B 107 -15.72 -39.15 8.07
N LEU B 108 -15.82 -37.81 8.15
CA LEU B 108 -16.70 -37.06 7.29
C LEU B 108 -16.24 -37.01 5.81
N MET B 109 -14.99 -37.29 5.56
CA MET B 109 -14.42 -37.04 4.22
C MET B 109 -14.55 -38.26 3.31
N THR B 110 -15.77 -38.74 3.19
CA THR B 110 -16.07 -39.80 2.28
C THR B 110 -16.16 -39.34 0.84
N GLU B 111 -16.14 -40.30 -0.09
CA GLU B 111 -16.36 -40.02 -1.48
C GLU B 111 -17.69 -39.31 -1.72
N GLY B 112 -18.75 -39.80 -1.03
CA GLY B 112 -20.04 -39.17 -1.17
C GLY B 112 -20.19 -37.76 -0.60
N ASN B 113 -19.63 -37.56 0.55
CA ASN B 113 -19.66 -36.25 1.15
C ASN B 113 -18.83 -35.25 0.36
N LEU B 114 -17.72 -35.73 -0.21
CA LEU B 114 -16.85 -34.81 -1.01
C LEU B 114 -17.50 -34.49 -2.33
N ASN B 115 -18.17 -35.46 -2.93
CA ASN B 115 -18.93 -35.19 -4.16
C ASN B 115 -20.07 -34.24 -3.88
N TYR B 116 -20.69 -34.36 -2.71
CA TYR B 116 -21.78 -33.45 -2.35
C TYR B 116 -21.33 -31.99 -2.21
N VAL B 117 -20.17 -31.74 -1.58
CA VAL B 117 -19.72 -30.39 -1.50
C VAL B 117 -19.39 -29.82 -2.88
N ARG B 118 -18.85 -30.68 -3.77
CA ARG B 118 -18.61 -30.29 -5.16
C ARG B 118 -19.92 -29.80 -5.83
N GLU B 119 -20.96 -30.60 -5.72
CA GLU B 119 -22.26 -30.28 -6.34
C GLU B 119 -22.91 -29.10 -5.73
N LEU B 120 -22.84 -28.95 -4.39
CA LEU B 120 -23.43 -27.80 -3.76
C LEU B 120 -22.79 -26.49 -4.22
N THR B 121 -21.47 -26.51 -4.38
CA THR B 121 -20.69 -25.33 -4.73
C THR B 121 -21.05 -24.93 -6.15
N ARG B 122 -21.08 -25.90 -7.04
CA ARG B 122 -21.46 -25.70 -8.41
C ARG B 122 -22.89 -25.14 -8.56
N THR B 123 -23.87 -25.74 -7.87
CA THR B 123 -25.25 -25.26 -7.93
C THR B 123 -25.39 -23.83 -7.45
N LEU B 124 -24.73 -23.50 -6.34
CA LEU B 124 -24.93 -22.21 -5.76
C LEU B 124 -24.28 -21.10 -6.60
N TRP B 125 -23.10 -21.33 -7.17
CA TRP B 125 -22.53 -20.34 -8.10
C TRP B 125 -23.47 -20.18 -9.29
N HIS B 126 -23.96 -21.28 -9.88
CA HIS B 126 -24.82 -21.16 -11.08
C HIS B 126 -26.11 -20.41 -10.72
N ALA B 127 -26.59 -20.65 -9.53
CA ALA B 127 -27.85 -19.96 -9.06
C ALA B 127 -27.65 -18.47 -8.69
N ASN B 128 -26.40 -18.07 -8.46
CA ASN B 128 -26.02 -16.71 -8.06
C ASN B 128 -25.77 -15.72 -9.21
N THR B 129 -25.74 -16.19 -10.42
CA THR B 129 -25.30 -15.36 -11.56
C THR B 129 -26.22 -14.13 -11.73
N GLN B 130 -27.52 -14.35 -11.73
CA GLN B 130 -28.44 -13.20 -11.81
C GLN B 130 -28.18 -12.09 -10.78
N ARG B 131 -28.05 -12.46 -9.49
CA ARG B 131 -27.73 -11.51 -8.44
C ARG B 131 -26.51 -10.71 -8.85
N MET B 132 -25.45 -11.42 -9.23
CA MET B 132 -24.20 -10.72 -9.56
C MET B 132 -24.33 -9.80 -10.75
N GLU B 133 -25.11 -10.19 -11.76
CA GLU B 133 -25.40 -9.30 -12.93
C GLU B 133 -26.08 -8.02 -12.51
N SER B 134 -26.94 -8.14 -11.53
CA SER B 134 -27.73 -7.00 -11.11
C SER B 134 -26.97 -5.98 -10.24
N MET B 135 -25.81 -6.37 -9.74
CA MET B 135 -25.02 -5.56 -8.84
C MET B 135 -24.10 -4.61 -9.61
N ASP B 136 -23.97 -3.39 -9.11
CA ASP B 136 -23.13 -2.41 -9.79
C ASP B 136 -21.65 -2.86 -9.70
N GLU B 137 -21.27 -3.37 -8.55
CA GLU B 137 -19.95 -4.01 -8.44
C GLU B 137 -20.09 -5.12 -7.45
N VAL B 138 -19.25 -6.14 -7.62
CA VAL B 138 -19.24 -7.26 -6.70
C VAL B 138 -17.84 -7.37 -6.09
N ASN B 139 -17.82 -7.31 -4.76
CA ASN B 139 -16.61 -7.60 -4.00
C ASN B 139 -16.56 -9.13 -3.79
N ILE B 140 -15.58 -9.77 -4.38
CA ILE B 140 -15.59 -11.21 -4.45
C ILE B 140 -15.23 -11.83 -3.12
N TYR B 141 -14.34 -11.17 -2.37
CA TYR B 141 -14.08 -11.64 -0.99
C TYR B 141 -15.41 -11.73 -0.20
N ARG B 142 -16.25 -10.69 -0.30
CA ARG B 142 -17.50 -10.71 0.42
C ARG B 142 -18.55 -11.64 -0.22
N GLU B 143 -18.71 -11.58 -1.51
CA GLU B 143 -19.72 -12.46 -2.17
C GLU B 143 -19.44 -13.93 -1.95
N SER B 144 -18.17 -14.33 -2.05
CA SER B 144 -17.80 -15.71 -1.84
C SER B 144 -17.94 -16.11 -0.37
N ILE B 145 -17.70 -15.21 0.59
CA ILE B 145 -17.83 -15.61 1.97
C ILE B 145 -19.33 -15.89 2.30
N VAL B 146 -20.20 -15.12 1.70
CA VAL B 146 -21.66 -15.36 1.89
C VAL B 146 -22.10 -16.64 1.22
N LEU B 147 -21.72 -16.84 -0.03
CA LEU B 147 -22.01 -18.09 -0.76
C LEU B 147 -21.50 -19.29 0.00
N LEU B 148 -20.23 -19.20 0.49
CA LEU B 148 -19.62 -20.36 1.18
C LEU B 148 -20.27 -20.66 2.52
N THR B 149 -20.89 -19.63 3.13
CA THR B 149 -21.63 -19.81 4.40
C THR B 149 -22.85 -20.69 4.08
N LYS B 150 -23.48 -20.43 2.97
CA LYS B 150 -24.56 -21.30 2.44
C LYS B 150 -24.07 -22.76 2.19
N VAL B 151 -22.95 -22.89 1.50
CA VAL B 151 -22.41 -24.20 1.22
C VAL B 151 -22.03 -24.94 2.51
N GLY B 152 -21.33 -24.26 3.43
CA GLY B 152 -20.68 -24.92 4.59
C GLY B 152 -21.69 -25.35 5.66
N THR B 153 -22.66 -24.47 5.89
CA THR B 153 -23.77 -24.81 6.83
C THR B 153 -24.53 -26.01 6.32
N ARG B 154 -24.94 -25.99 5.06
CA ARG B 154 -25.65 -27.11 4.51
C ARG B 154 -24.85 -28.38 4.47
N TRP B 155 -23.56 -28.30 4.08
CA TRP B 155 -22.72 -29.52 4.06
C TRP B 155 -22.61 -30.15 5.49
N ALA B 156 -22.54 -29.30 6.53
CA ALA B 156 -22.34 -29.68 7.89
C ALA B 156 -23.70 -30.18 8.52
N GLY B 157 -24.79 -30.04 7.79
CA GLY B 157 -26.12 -30.50 8.27
C GLY B 157 -26.79 -29.50 9.18
N VAL B 158 -26.28 -28.27 9.18
CA VAL B 158 -26.76 -27.20 10.07
C VAL B 158 -27.76 -26.31 9.29
N GLN B 159 -28.97 -26.10 9.81
CA GLN B 159 -29.97 -25.26 9.10
C GLN B 159 -29.73 -23.80 9.46
N ALA B 160 -29.55 -22.95 8.46
CA ALA B 160 -29.27 -21.57 8.72
C ALA B 160 -30.30 -20.81 7.90
N PRO B 161 -31.28 -20.13 8.54
CA PRO B 161 -32.27 -19.36 7.76
C PRO B 161 -31.60 -18.33 6.85
N PRO B 162 -32.11 -18.11 5.63
CA PRO B 162 -31.49 -17.18 4.71
C PRO B 162 -31.30 -15.78 5.24
N GLU B 163 -32.24 -15.32 6.08
CA GLU B 163 -32.13 -13.99 6.67
C GLU B 163 -30.93 -13.88 7.59
N ASP B 164 -30.41 -15.00 8.08
CA ASP B 164 -29.32 -15.00 9.04
C ASP B 164 -27.92 -15.18 8.39
N ILE B 165 -27.88 -15.43 7.11
CA ILE B 165 -26.59 -15.80 6.50
C ILE B 165 -25.59 -14.68 6.46
N GLU B 166 -26.01 -13.45 6.13
CA GLU B 166 -25.08 -12.34 6.21
C GLU B 166 -24.41 -12.12 7.59
N ARG B 167 -25.19 -12.21 8.69
CA ARG B 167 -24.69 -12.13 10.06
C ARG B 167 -23.70 -13.23 10.37
N ILE B 168 -24.11 -14.46 10.04
CA ILE B 168 -23.23 -15.60 10.29
C ILE B 168 -21.91 -15.40 9.53
N ALA B 169 -21.99 -14.96 8.27
CA ALA B 169 -20.77 -14.79 7.43
C ALA B 169 -19.82 -13.78 8.05
N THR B 170 -20.40 -12.71 8.59
CA THR B 170 -19.60 -11.64 9.21
C THR B 170 -18.90 -12.14 10.48
N ASP B 171 -19.63 -12.88 11.35
CA ASP B 171 -19.08 -13.43 12.57
C ASP B 171 -17.97 -14.41 12.24
N MET B 172 -18.18 -15.22 11.20
CA MET B 172 -17.09 -16.16 10.76
C MET B 172 -15.83 -15.33 10.32
N ASP B 173 -16.05 -14.32 9.49
CA ASP B 173 -14.97 -13.47 8.92
C ASP B 173 -14.10 -12.89 10.08
N ILE B 174 -14.77 -12.35 11.11
CA ILE B 174 -14.09 -11.88 12.30
C ILE B 174 -13.23 -12.94 12.99
N MET B 175 -13.79 -14.12 13.18
CA MET B 175 -13.04 -15.18 13.81
C MET B 175 -11.82 -15.59 12.91
N ILE B 176 -12.08 -15.75 11.64
CA ILE B 176 -11.00 -16.23 10.68
C ILE B 176 -9.80 -15.25 10.68
N ASP B 177 -10.10 -13.95 10.75
CA ASP B 177 -9.09 -12.91 10.77
C ASP B 177 -8.27 -12.85 12.06
N SER B 178 -8.75 -13.47 13.14
CA SER B 178 -8.22 -13.19 14.48
C SER B 178 -6.88 -13.80 14.86
N PHE B 179 -6.21 -14.46 13.91
CA PHE B 179 -4.78 -14.78 14.11
C PHE B 179 -3.83 -13.65 13.80
N ARG B 180 -4.38 -12.50 13.39
CA ARG B 180 -3.56 -11.39 12.89
C ARG B 180 -2.51 -10.90 13.86
N ALA B 181 -2.79 -10.93 15.16
CA ALA B 181 -1.84 -10.40 16.16
C ALA B 181 -0.95 -11.47 16.76
N LEU B 182 -1.00 -12.67 16.16
CA LEU B 182 -0.20 -13.81 16.61
C LEU B 182 -0.34 -14.07 18.12
N GLY B 183 -1.52 -13.79 18.65
CA GLY B 183 -1.82 -14.13 20.06
C GLY B 183 -1.69 -12.93 21.00
N GLY B 184 -1.19 -11.80 20.47
CA GLY B 184 -1.13 -10.56 21.26
C GLY B 184 -2.51 -9.91 21.43
N ALA B 185 -2.61 -9.00 22.42
CA ALA B 185 -3.84 -8.21 22.54
C ALA B 185 -3.97 -7.35 21.28
N PHE B 186 -5.19 -7.10 20.84
CA PHE B 186 -5.42 -6.27 19.68
C PHE B 186 -6.83 -5.67 19.76
N LYS B 187 -7.01 -4.60 19.02
CA LYS B 187 -8.27 -3.84 19.03
C LYS B 187 -9.53 -4.71 19.03
N GLY B 188 -9.70 -5.50 17.99
CA GLY B 188 -10.86 -6.39 17.92
C GLY B 188 -10.92 -7.66 18.79
N TYR B 189 -10.06 -7.84 19.79
CA TYR B 189 -10.05 -9.10 20.52
C TYR B 189 -11.40 -9.35 21.19
N LYS B 190 -11.93 -8.36 21.90
CA LYS B 190 -13.20 -8.55 22.58
C LYS B 190 -14.35 -8.80 21.62
N ALA B 191 -14.39 -8.08 20.52
CA ALA B 191 -15.43 -8.25 19.53
C ALA B 191 -15.36 -9.64 18.86
N SER B 192 -14.13 -10.13 18.71
CA SER B 192 -13.91 -11.49 18.21
C SER B 192 -14.45 -12.57 19.12
N LYS B 193 -14.22 -12.45 20.41
CA LYS B 193 -14.77 -13.38 21.37
C LYS B 193 -16.30 -13.34 21.36
N GLU B 194 -16.89 -12.15 21.19
CA GLU B 194 -18.39 -12.01 21.10
C GLU B 194 -19.01 -12.66 19.86
N ALA B 195 -18.33 -12.47 18.72
CA ALA B 195 -18.70 -13.20 17.50
C ALA B 195 -18.71 -14.71 17.70
N ARG B 196 -17.60 -15.23 18.29
CA ARG B 196 -17.48 -16.64 18.57
C ARG B 196 -18.61 -17.12 19.49
N ARG B 197 -18.91 -16.34 20.54
CA ARG B 197 -19.99 -16.70 21.45
C ARG B 197 -21.33 -16.89 20.75
N ARG B 198 -21.67 -15.99 19.83
CA ARG B 198 -22.90 -16.05 19.11
C ARG B 198 -23.00 -17.31 18.27
N VAL B 199 -21.89 -17.66 17.64
CA VAL B 199 -21.94 -18.82 16.79
C VAL B 199 -21.96 -20.07 17.65
N GLU B 200 -21.15 -20.14 18.72
CA GLU B 200 -21.17 -21.36 19.62
C GLU B 200 -22.57 -21.59 20.25
N ASP B 201 -23.23 -20.51 20.66
CA ASP B 201 -24.63 -20.61 21.23
C ASP B 201 -25.64 -21.19 20.23
N TRP B 202 -25.61 -20.68 19.00
CA TRP B 202 -26.41 -21.13 17.89
C TRP B 202 -26.18 -22.60 17.59
N LEU B 203 -24.93 -23.02 17.51
CA LEU B 203 -24.60 -24.44 17.28
C LEU B 203 -24.95 -25.33 18.49
N GLU B 204 -24.75 -24.82 19.69
CA GLU B 204 -25.06 -25.66 20.87
C GLU B 204 -26.55 -26.00 20.92
N GLU B 205 -27.36 -25.07 20.49
CA GLU B 205 -28.80 -25.28 20.46
C GLU B 205 -29.16 -26.41 19.48
N GLN B 206 -28.55 -26.40 18.29
CA GLN B 206 -28.73 -27.51 17.36
C GLN B 206 -28.25 -28.87 17.86
N ILE B 207 -27.14 -28.93 18.59
CA ILE B 207 -26.68 -30.17 19.10
C ILE B 207 -27.67 -30.73 20.15
N ILE B 208 -28.14 -29.82 20.97
CA ILE B 208 -29.08 -30.20 22.08
C ILE B 208 -30.37 -30.74 21.49
N GLU B 209 -30.94 -29.98 20.57
CA GLU B 209 -32.15 -30.39 19.90
C GLU B 209 -31.99 -31.68 19.07
N THR B 210 -30.79 -31.95 18.54
CA THR B 210 -30.52 -33.18 17.85
C THR B 210 -30.49 -34.30 18.85
N ARG B 211 -29.89 -34.04 20.00
CA ARG B 211 -29.86 -35.01 21.07
C ARG B 211 -31.22 -34.84 21.79
N ILE B 215 -34.86 -32.42 16.33
CA ILE B 215 -34.48 -32.29 14.91
C ILE B 215 -33.65 -33.44 14.36
N HIS B 216 -33.64 -33.58 13.04
CA HIS B 216 -33.17 -34.80 12.40
C HIS B 216 -32.16 -34.54 11.27
N PRO B 217 -30.98 -34.07 11.62
CA PRO B 217 -29.97 -33.89 10.53
C PRO B 217 -29.67 -35.22 9.86
N PRO B 218 -29.33 -35.20 8.57
CA PRO B 218 -29.02 -36.46 7.91
C PRO B 218 -27.83 -37.19 8.45
N GLU B 219 -27.90 -38.52 8.44
CA GLU B 219 -26.82 -39.36 8.81
C GLU B 219 -25.62 -39.03 7.87
N GLY B 220 -24.43 -39.01 8.42
CA GLY B 220 -23.20 -38.68 7.65
C GLY B 220 -22.87 -37.20 7.63
N THR B 221 -23.76 -36.34 8.13
CA THR B 221 -23.48 -34.89 8.27
C THR B 221 -22.73 -34.63 9.57
N ALA B 222 -21.92 -33.58 9.59
CA ALA B 222 -21.19 -33.24 10.76
C ALA B 222 -22.13 -33.12 12.01
N LEU B 223 -23.22 -32.42 11.86
CA LEU B 223 -24.14 -32.14 13.04
C LEU B 223 -24.61 -33.51 13.59
N TYR B 224 -25.03 -34.40 12.67
CA TYR B 224 -25.43 -35.76 13.09
C TYR B 224 -24.32 -36.52 13.76
N GLU B 225 -23.19 -36.68 13.07
CA GLU B 225 -22.13 -37.49 13.55
C GLU B 225 -21.52 -36.94 14.86
N PHE B 226 -21.33 -35.61 14.94
CA PHE B 226 -20.77 -34.99 16.16
C PHE B 226 -21.74 -35.10 17.37
N ALA B 227 -23.02 -34.87 17.16
CA ALA B 227 -24.02 -34.98 18.24
C ALA B 227 -24.01 -36.40 18.84
N HIS B 228 -23.87 -37.42 17.98
CA HIS B 228 -24.02 -38.81 18.41
C HIS B 228 -22.80 -39.52 18.78
N TRP B 229 -21.62 -38.93 18.52
CA TRP B 229 -20.39 -39.61 18.77
C TRP B 229 -20.06 -39.83 20.25
N GLU B 230 -19.43 -40.95 20.52
CA GLU B 230 -18.80 -41.21 21.84
C GLU B 230 -17.32 -41.40 21.71
N ASP B 231 -16.56 -40.87 22.64
CA ASP B 231 -15.18 -41.01 22.64
C ASP B 231 -14.75 -42.39 23.03
N TYR B 232 -13.45 -42.63 23.02
CA TYR B 232 -12.91 -43.99 23.19
C TYR B 232 -13.24 -44.60 24.57
N LEU B 233 -13.57 -43.77 25.55
CA LEU B 233 -13.99 -44.21 26.88
C LEU B 233 -15.51 -44.34 27.04
N GLY B 234 -16.27 -44.00 26.01
CA GLY B 234 -17.74 -44.18 25.97
C GLY B 234 -18.57 -42.96 26.28
N ASN B 235 -17.92 -41.78 26.38
CA ASN B 235 -18.59 -40.55 26.67
C ASN B 235 -18.76 -39.63 25.44
N PRO B 236 -19.96 -39.15 25.19
CA PRO B 236 -20.13 -38.04 24.23
C PRO B 236 -19.37 -36.79 24.64
N MET B 237 -19.11 -35.91 23.66
CA MET B 237 -18.67 -34.57 24.01
C MET B 237 -19.80 -33.86 24.76
N ASP B 238 -19.45 -33.05 25.74
CA ASP B 238 -20.47 -32.17 26.28
C ASP B 238 -20.88 -31.26 25.17
N SER B 239 -22.08 -30.72 25.27
CA SER B 239 -22.70 -30.02 24.19
C SER B 239 -21.96 -28.76 23.75
N ARG B 240 -21.32 -28.04 24.67
CA ARG B 240 -20.53 -26.87 24.29
C ARG B 240 -19.25 -27.24 23.50
N THR B 241 -18.50 -28.21 24.01
CA THR B 241 -17.31 -28.71 23.29
C THR B 241 -17.75 -29.25 21.93
N CYS B 242 -18.91 -29.89 21.89
CA CYS B 242 -19.42 -30.48 20.63
C CYS B 242 -19.73 -29.34 19.62
N ALA B 243 -20.30 -28.25 20.11
CA ALA B 243 -20.59 -27.07 19.28
C ALA B 243 -19.33 -26.41 18.74
N ILE B 244 -18.31 -26.32 19.59
CA ILE B 244 -17.04 -25.77 19.22
C ILE B 244 -16.39 -26.61 18.12
N ASP B 245 -16.30 -27.92 18.31
CA ASP B 245 -15.75 -28.75 17.23
C ASP B 245 -16.61 -28.89 15.98
N LEU B 246 -17.93 -28.82 16.11
CA LEU B 246 -18.80 -28.76 14.99
C LEU B 246 -18.44 -27.51 14.18
N MET B 247 -18.15 -26.41 14.84
CA MET B 247 -17.83 -25.20 14.07
C MET B 247 -16.54 -25.42 13.28
N ASN B 248 -15.65 -26.25 13.78
CA ASN B 248 -14.36 -26.53 13.10
C ASN B 248 -14.48 -27.41 11.85
N THR B 249 -15.70 -27.83 11.50
CA THR B 249 -16.00 -28.55 10.26
C THR B 249 -16.39 -27.62 9.15
N PHE B 250 -16.79 -26.37 9.49
CA PHE B 250 -17.28 -25.45 8.44
C PHE B 250 -16.92 -23.99 8.49
N ARG B 251 -16.46 -23.47 9.63
CA ARG B 251 -15.83 -22.13 9.64
C ARG B 251 -14.60 -22.12 8.72
N PRO B 252 -13.78 -23.16 8.76
CA PRO B 252 -12.62 -23.10 7.77
C PRO B 252 -13.02 -23.31 6.28
N LEU B 253 -14.17 -23.89 6.06
CA LEU B 253 -14.74 -24.02 4.72
C LEU B 253 -15.09 -22.66 4.24
N ILE B 254 -15.73 -21.87 5.10
CA ILE B 254 -16.07 -20.52 4.80
C ILE B 254 -14.80 -19.69 4.47
N ALA B 255 -13.73 -19.93 5.22
CA ALA B 255 -12.42 -19.27 5.05
C ALA B 255 -11.79 -19.50 3.67
N ILE B 256 -12.33 -20.47 2.90
CA ILE B 256 -11.89 -20.65 1.49
C ILE B 256 -12.18 -19.35 0.66
N ASN B 257 -13.06 -18.47 1.16
CA ASN B 257 -13.22 -17.15 0.52
C ASN B 257 -11.89 -16.41 0.29
N ARG B 258 -10.95 -16.51 1.23
CA ARG B 258 -9.58 -15.95 1.03
C ARG B 258 -8.95 -16.45 -0.27
N PHE B 259 -9.04 -17.78 -0.48
CA PHE B 259 -8.47 -18.39 -1.65
C PHE B 259 -9.26 -18.07 -2.92
N VAL B 260 -10.58 -17.86 -2.82
CA VAL B 260 -11.36 -17.48 -3.99
C VAL B 260 -10.93 -16.09 -4.47
N SER B 261 -10.80 -15.15 -3.54
CA SER B 261 -10.31 -13.80 -3.86
C SER B 261 -8.89 -13.87 -4.50
N PHE B 262 -8.01 -14.68 -3.94
CA PHE B 262 -6.66 -14.83 -4.52
C PHE B 262 -6.71 -15.44 -5.91
N GLY B 263 -7.55 -16.46 -6.10
CA GLY B 263 -7.65 -17.12 -7.39
C GLY B 263 -8.08 -16.16 -8.51
N LEU B 264 -9.07 -15.29 -8.25
CA LEU B 264 -9.51 -14.27 -9.25
C LEU B 264 -8.32 -13.29 -9.52
N HIS B 265 -7.58 -12.98 -8.48
CA HIS B 265 -6.35 -12.18 -8.62
C HIS B 265 -5.35 -12.84 -9.50
N ALA B 266 -5.14 -14.14 -9.35
CA ALA B 266 -4.18 -14.84 -10.18
C ALA B 266 -4.61 -14.92 -11.65
N MET B 267 -5.92 -15.12 -11.89
CA MET B 267 -6.44 -15.10 -13.25
C MET B 267 -6.36 -13.73 -13.92
N ASN B 268 -6.52 -12.67 -13.16
CA ASN B 268 -6.36 -11.33 -13.68
C ASN B 268 -4.91 -10.97 -13.94
N GLU B 269 -4.02 -11.48 -13.08
CA GLU B 269 -2.61 -11.19 -13.23
C GLU B 269 -1.99 -11.97 -14.36
N ASN B 270 -2.53 -13.15 -14.65
N ASN B 270 -2.42 -13.18 -14.63
CA ASN B 270 -1.99 -14.16 -15.57
CA ASN B 270 -1.99 -13.88 -15.85
C ASN B 270 -3.15 -14.65 -16.53
C ASN B 270 -3.12 -14.53 -16.56
N PRO B 271 -3.66 -13.80 -17.51
CA PRO B 271 -4.90 -14.14 -18.20
C PRO B 271 -4.83 -15.41 -19.00
N ILE B 272 -3.64 -15.89 -19.28
CA ILE B 272 -3.48 -17.15 -19.94
C ILE B 272 -4.07 -18.30 -19.10
N THR B 273 -4.04 -18.13 -17.78
CA THR B 273 -4.56 -19.20 -16.89
C THR B 273 -6.04 -19.37 -17.03
N ARG B 274 -6.75 -18.28 -17.28
CA ARG B 274 -8.22 -18.34 -17.52
C ARG B 274 -8.56 -19.19 -18.72
N GLU B 275 -7.81 -18.96 -19.79
CA GLU B 275 -8.00 -19.72 -21.02
C GLU B 275 -7.77 -21.22 -20.78
N LYS B 276 -6.75 -21.60 -19.99
CA LYS B 276 -6.46 -22.96 -19.75
C LYS B 276 -7.46 -23.62 -18.83
N ILE B 277 -7.97 -22.88 -17.86
CA ILE B 277 -9.07 -23.46 -16.98
C ILE B 277 -10.22 -23.93 -17.89
N LYS B 278 -10.52 -23.12 -18.90
CA LYS B 278 -11.58 -23.43 -19.86
C LYS B 278 -11.26 -24.58 -20.80
N SER B 279 -10.09 -24.59 -21.38
CA SER B 279 -9.83 -25.46 -22.52
C SER B 279 -9.14 -26.72 -22.09
N GLU B 280 -8.48 -26.72 -20.94
CA GLU B 280 -7.58 -27.77 -20.65
C GLU B 280 -8.04 -28.68 -19.52
N PRO B 281 -8.05 -30.00 -19.88
CA PRO B 281 -8.42 -31.01 -18.94
C PRO B 281 -7.40 -31.01 -17.82
N ASP B 282 -7.98 -30.97 -16.62
CA ASP B 282 -7.26 -31.08 -15.39
C ASP B 282 -6.66 -29.81 -14.89
N TYR B 283 -6.79 -28.72 -15.65
CA TYR B 283 -6.02 -27.51 -15.26
C TYR B 283 -6.60 -26.79 -14.05
N ALA B 284 -7.91 -26.79 -13.89
CA ALA B 284 -8.53 -26.25 -12.66
C ALA B 284 -7.98 -26.82 -11.37
N TYR B 285 -7.73 -28.11 -11.33
CA TYR B 285 -7.10 -28.80 -10.19
C TYR B 285 -5.73 -28.29 -9.94
N LYS B 286 -4.91 -28.18 -11.00
CA LYS B 286 -3.53 -27.62 -10.86
C LYS B 286 -3.54 -26.15 -10.46
N PHE B 287 -4.47 -25.38 -11.03
CA PHE B 287 -4.61 -23.99 -10.64
C PHE B 287 -5.00 -23.87 -9.16
N ALA B 288 -6.01 -24.67 -8.70
CA ALA B 288 -6.38 -24.65 -7.29
C ALA B 288 -5.18 -24.93 -6.38
N GLN B 289 -4.41 -25.95 -6.68
CA GLN B 289 -3.21 -26.28 -5.92
C GLN B 289 -2.18 -25.17 -5.91
N GLU B 290 -2.03 -24.48 -7.05
CA GLU B 290 -1.07 -23.38 -7.13
C GLU B 290 -1.48 -22.14 -6.40
N VAL B 291 -2.81 -21.92 -6.23
CA VAL B 291 -3.29 -20.81 -5.37
C VAL B 291 -2.90 -21.12 -3.90
N ARG B 292 -3.14 -22.35 -3.46
CA ARG B 292 -2.78 -22.72 -2.10
C ARG B 292 -1.30 -22.65 -1.81
N ARG B 293 -0.47 -23.02 -2.80
CA ARG B 293 0.95 -22.90 -2.63
C ARG B 293 1.49 -21.45 -2.62
N TYR B 294 1.12 -20.70 -3.64
CA TYR B 294 1.72 -19.41 -3.94
C TYR B 294 1.26 -18.26 -3.05
N TYR B 295 -0.03 -18.23 -2.67
CA TYR B 295 -0.58 -17.08 -1.92
C TYR B 295 -0.39 -17.31 -0.41
N PRO B 296 -0.13 -16.21 0.33
CA PRO B 296 -0.01 -16.21 1.75
C PRO B 296 -1.30 -16.40 2.53
N PHE B 297 -1.28 -17.32 3.52
CA PHE B 297 -2.41 -17.47 4.42
C PHE B 297 -1.80 -17.84 5.79
N VAL B 298 -1.38 -19.09 5.97
CA VAL B 298 -0.80 -19.55 7.26
C VAL B 298 0.68 -19.17 7.26
N PRO B 299 1.16 -18.33 8.23
CA PRO B 299 2.60 -17.98 8.17
C PRO B 299 3.57 -19.08 8.65
N PHE B 300 3.17 -19.71 9.76
CA PHE B 300 4.02 -20.59 10.52
C PHE B 300 3.12 -21.23 11.63
N LEU B 301 3.61 -22.34 12.18
CA LEU B 301 2.91 -23.15 13.22
C LEU B 301 3.87 -23.45 14.38
N PRO B 302 3.36 -23.40 15.64
CA PRO B 302 4.21 -23.53 16.83
C PRO B 302 4.22 -24.96 17.41
N GLY B 303 5.38 -25.38 17.86
CA GLY B 303 5.56 -26.65 18.58
C GLY B 303 6.68 -26.47 19.58
N LYS B 304 7.10 -27.55 20.22
CA LYS B 304 8.16 -27.49 21.22
C LYS B 304 8.98 -28.74 21.23
N ALA B 305 10.28 -28.61 21.33
CA ALA B 305 11.20 -29.80 21.43
C ALA B 305 11.08 -30.55 22.76
N LYS B 306 10.79 -31.85 22.68
CA LYS B 306 10.59 -32.68 23.90
C LYS B 306 11.93 -33.10 24.47
N VAL B 307 12.93 -33.19 23.60
CA VAL B 307 14.28 -33.64 23.88
C VAL B 307 15.17 -32.82 23.00
N ASP B 308 16.49 -32.90 23.20
CA ASP B 308 17.44 -32.24 22.35
C ASP B 308 17.31 -32.88 20.96
N ILE B 309 17.33 -32.04 19.92
CA ILE B 309 17.14 -32.51 18.56
C ILE B 309 18.27 -32.00 17.71
N ASP B 310 19.02 -32.90 17.10
CA ASP B 310 20.06 -32.50 16.16
C ASP B 310 19.45 -32.26 14.77
N PHE B 311 19.66 -31.10 14.22
CA PHE B 311 18.92 -30.69 13.02
C PHE B 311 19.74 -29.75 12.17
N GLN B 312 20.00 -30.13 10.91
CA GLN B 312 20.77 -29.26 10.00
C GLN B 312 22.02 -28.62 10.66
N GLY B 313 22.77 -29.38 11.45
CA GLY B 313 24.11 -28.92 11.90
C GLY B 313 24.10 -28.15 13.24
N VAL B 314 22.89 -27.99 13.85
CA VAL B 314 22.77 -27.42 15.20
C VAL B 314 22.01 -28.36 16.12
N THR B 315 22.01 -28.04 17.41
CA THR B 315 21.17 -28.73 18.34
C THR B 315 20.06 -27.79 18.77
N ILE B 316 18.83 -28.26 18.64
CA ILE B 316 17.70 -27.62 19.26
C ILE B 316 17.53 -28.17 20.66
N PRO B 317 17.72 -27.29 21.69
CA PRO B 317 17.57 -27.80 23.06
C PRO B 317 16.17 -28.20 23.44
N ALA B 318 16.09 -29.22 24.28
CA ALA B 318 14.86 -29.61 24.86
C ALA B 318 14.23 -28.39 25.53
N GLY B 319 12.92 -28.28 25.37
CA GLY B 319 12.09 -27.24 25.94
C GLY B 319 11.99 -25.93 25.17
N VAL B 320 12.78 -25.78 24.10
CA VAL B 320 12.72 -24.62 23.22
C VAL B 320 11.55 -24.76 22.17
N GLY B 321 10.91 -23.66 21.82
CA GLY B 321 9.89 -23.71 20.84
C GLY B 321 10.48 -23.98 19.45
N LEU B 322 9.57 -24.41 18.56
CA LEU B 322 9.79 -24.65 17.14
C LEU B 322 8.70 -23.92 16.41
N ALA B 323 9.06 -23.28 15.29
CA ALA B 323 8.10 -22.66 14.40
C ALA B 323 8.36 -23.30 13.03
N LEU B 324 7.41 -24.09 12.59
CA LEU B 324 7.48 -24.59 11.20
C LEU B 324 7.11 -23.46 10.25
N ASP B 325 8.00 -23.16 9.31
CA ASP B 325 7.76 -22.08 8.37
C ASP B 325 6.90 -22.51 7.21
N VAL B 326 5.60 -22.25 7.24
CA VAL B 326 4.68 -22.70 6.21
C VAL B 326 4.86 -21.92 4.91
N TYR B 327 4.90 -20.59 5.03
CA TYR B 327 5.14 -19.73 3.85
C TYR B 327 6.53 -20.01 3.24
N GLY B 328 7.58 -20.15 4.06
CA GLY B 328 8.90 -20.45 3.57
C GLY B 328 9.03 -21.77 2.81
N THR B 329 8.33 -22.79 3.31
CA THR B 329 8.39 -24.09 2.73
C THR B 329 7.63 -24.11 1.40
N THR B 330 6.47 -23.49 1.36
CA THR B 330 5.68 -23.37 0.11
C THR B 330 6.38 -22.46 -0.92
N HIS B 331 7.39 -21.68 -0.51
CA HIS B 331 8.18 -20.83 -1.41
C HIS B 331 9.68 -21.17 -1.49
N ASP B 332 10.03 -22.41 -1.18
CA ASP B 332 11.40 -22.83 -1.07
C ASP B 332 12.01 -23.11 -2.46
N GLU B 333 13.10 -22.43 -2.81
CA GLU B 333 13.72 -22.58 -4.15
C GLU B 333 14.17 -24.01 -4.45
N SER B 334 14.53 -24.83 -3.45
CA SER B 334 14.93 -26.22 -3.71
C SER B 334 13.75 -27.18 -3.89
N LEU B 335 12.55 -26.77 -3.53
CA LEU B 335 11.38 -27.63 -3.68
C LEU B 335 10.54 -27.31 -4.88
N TRP B 336 10.60 -26.08 -5.31
CA TRP B 336 9.75 -25.54 -6.35
C TRP B 336 10.56 -24.66 -7.28
N ASP B 337 10.58 -25.01 -8.55
CA ASP B 337 11.36 -24.22 -9.52
C ASP B 337 10.63 -22.91 -9.71
N ASP B 338 11.37 -21.84 -9.46
CA ASP B 338 10.87 -20.46 -9.54
C ASP B 338 9.64 -20.35 -8.62
N PRO B 339 9.90 -20.45 -7.30
CA PRO B 339 8.81 -20.45 -6.29
C PRO B 339 7.97 -19.18 -6.28
N ASN B 340 8.50 -18.04 -6.75
CA ASN B 340 7.79 -16.78 -6.72
C ASN B 340 7.10 -16.48 -8.07
N GLU B 341 6.90 -17.51 -8.85
CA GLU B 341 6.09 -17.42 -10.05
C GLU B 341 4.83 -18.30 -9.86
N PHE B 342 3.69 -17.79 -10.33
CA PHE B 342 2.42 -18.54 -10.33
C PHE B 342 2.39 -19.40 -11.58
N ARG B 343 2.60 -20.67 -11.42
CA ARG B 343 2.74 -21.62 -12.51
C ARG B 343 2.08 -22.93 -12.22
N PRO B 344 0.77 -23.06 -12.49
CA PRO B 344 0.03 -24.32 -12.26
C PRO B 344 0.64 -25.59 -12.91
N GLU B 345 1.31 -25.42 -14.06
CA GLU B 345 1.95 -26.52 -14.76
C GLU B 345 3.01 -27.24 -13.88
N ARG B 346 3.45 -26.62 -12.77
CA ARG B 346 4.38 -27.31 -11.92
C ARG B 346 3.78 -28.55 -11.29
N PHE B 347 2.46 -28.60 -11.17
CA PHE B 347 1.82 -29.74 -10.53
C PHE B 347 1.71 -30.95 -11.45
N GLU B 348 2.17 -30.80 -12.70
CA GLU B 348 2.32 -31.99 -13.57
C GLU B 348 3.39 -32.93 -13.02
N THR B 349 4.38 -32.40 -12.31
CA THR B 349 5.47 -33.21 -11.75
C THR B 349 5.53 -33.31 -10.17
N TRP B 350 4.55 -32.79 -9.46
CA TRP B 350 4.61 -32.94 -7.99
C TRP B 350 4.28 -34.36 -7.58
N ASP B 351 5.11 -34.94 -6.71
CA ASP B 351 5.00 -36.35 -6.33
C ASP B 351 4.11 -36.61 -5.14
N GLY B 352 3.41 -35.58 -4.62
CA GLY B 352 2.44 -35.78 -3.53
C GLY B 352 3.05 -35.86 -2.17
N SER B 353 4.30 -35.44 -2.02
CA SER B 353 5.00 -35.45 -0.70
C SER B 353 4.16 -34.79 0.43
N PRO B 354 4.09 -35.43 1.61
CA PRO B 354 3.40 -34.73 2.76
C PRO B 354 4.17 -33.55 3.37
N PHE B 355 5.37 -33.21 2.85
CA PHE B 355 6.30 -32.34 3.54
C PHE B 355 6.75 -31.11 2.73
N ASP B 356 6.28 -30.94 1.49
CA ASP B 356 6.53 -29.71 0.75
C ASP B 356 5.29 -28.83 0.59
N LEU B 357 4.21 -29.40 0.12
CA LEU B 357 2.99 -28.64 -0.15
C LEU B 357 2.21 -28.67 1.19
N ILE B 358 2.59 -27.75 2.03
CA ILE B 358 2.05 -27.73 3.42
C ILE B 358 1.31 -26.43 3.79
N PRO B 359 0.59 -25.80 2.86
CA PRO B 359 -0.14 -24.52 3.22
C PRO B 359 -1.23 -24.69 4.30
N GLN B 360 -1.66 -25.94 4.51
CA GLN B 360 -2.61 -26.30 5.53
C GLN B 360 -2.03 -27.38 6.45
N GLY B 361 -0.74 -27.30 6.68
CA GLY B 361 -0.02 -28.27 7.47
C GLY B 361 0.56 -29.43 6.72
N GLY B 362 1.42 -30.15 7.41
CA GLY B 362 2.05 -31.32 6.87
C GLY B 362 1.86 -32.56 7.74
N GLY B 363 2.60 -33.59 7.36
CA GLY B 363 2.53 -34.89 8.11
C GLY B 363 1.26 -35.67 7.88
N ASP B 364 0.86 -36.46 8.89
CA ASP B 364 -0.22 -37.49 8.78
C ASP B 364 -1.52 -36.90 9.27
N TYR B 365 -2.57 -37.08 8.50
CA TYR B 365 -3.90 -36.61 8.88
C TYR B 365 -4.34 -37.17 10.24
N TRP B 366 -4.01 -38.44 10.52
CA TRP B 366 -4.66 -39.18 11.62
C TRP B 366 -3.98 -38.97 12.98
N THR B 367 -2.64 -38.78 12.97
CA THR B 367 -1.85 -38.65 14.21
C THR B 367 -1.12 -37.33 14.38
N ASN B 368 -1.20 -36.46 13.37
CA ASN B 368 -0.68 -35.09 13.46
C ASN B 368 -1.90 -34.15 13.42
N HIS B 369 -1.66 -32.85 13.66
CA HIS B 369 -2.70 -31.85 13.57
C HIS B 369 -2.97 -31.28 12.17
N ARG B 370 -2.50 -32.00 11.15
CA ARG B 370 -2.71 -31.60 9.72
C ARG B 370 -4.17 -31.37 9.41
N CYS B 371 -4.43 -30.36 8.59
CA CYS B 371 -5.81 -30.01 8.19
C CYS B 371 -6.65 -31.18 7.67
N ALA B 372 -7.87 -31.36 8.23
CA ALA B 372 -8.82 -32.33 7.73
C ALA B 372 -9.53 -31.94 6.46
N GLY B 373 -9.40 -30.65 6.03
CA GLY B 373 -10.24 -30.09 4.98
C GLY B 373 -9.51 -29.85 3.65
N GLU B 374 -8.32 -30.44 3.50
CA GLU B 374 -7.60 -30.13 2.27
C GLU B 374 -8.36 -30.56 1.01
N TRP B 375 -8.97 -31.77 1.01
CA TRP B 375 -9.67 -32.24 -0.17
C TRP B 375 -10.84 -31.27 -0.47
N ILE B 376 -11.62 -30.88 0.56
CA ILE B 376 -12.71 -29.95 0.36
C ILE B 376 -12.21 -28.59 -0.20
N THR B 377 -11.07 -28.10 0.32
CA THR B 377 -10.52 -26.83 -0.14
C THR B 377 -10.24 -26.89 -1.65
N VAL B 378 -9.51 -27.93 -2.05
CA VAL B 378 -9.24 -28.08 -3.53
C VAL B 378 -10.52 -28.20 -4.36
N ILE B 379 -11.48 -29.02 -3.92
CA ILE B 379 -12.72 -29.19 -4.67
C ILE B 379 -13.48 -27.89 -4.84
N ILE B 380 -13.64 -27.12 -3.77
CA ILE B 380 -14.38 -25.87 -3.82
C ILE B 380 -13.64 -24.87 -4.73
N MET B 381 -12.35 -24.89 -4.62
CA MET B 381 -11.56 -23.99 -5.50
C MET B 381 -11.63 -24.40 -6.95
N GLU B 382 -11.54 -25.68 -7.21
CA GLU B 382 -11.76 -26.16 -8.60
C GLU B 382 -13.07 -25.68 -9.17
N GLU B 383 -14.15 -25.93 -8.47
CA GLU B 383 -15.45 -25.55 -9.02
C GLU B 383 -15.62 -24.07 -9.13
N THR B 384 -15.16 -23.34 -8.12
CA THR B 384 -15.35 -21.93 -8.16
C THR B 384 -14.59 -21.31 -9.34
N MET B 385 -13.35 -21.74 -9.48
CA MET B 385 -12.49 -21.15 -10.57
C MET B 385 -13.09 -21.50 -11.96
N LYS B 386 -13.62 -22.72 -12.11
CA LYS B 386 -14.30 -23.11 -13.34
C LYS B 386 -15.45 -22.20 -13.64
N TYR B 387 -16.23 -21.88 -12.60
CA TYR B 387 -17.35 -20.99 -12.80
C TYR B 387 -16.94 -19.57 -13.30
N PHE B 388 -15.98 -18.99 -12.61
CA PHE B 388 -15.49 -17.65 -12.96
C PHE B 388 -14.80 -17.64 -14.34
N ALA B 389 -14.13 -18.73 -14.71
CA ALA B 389 -13.39 -18.76 -15.98
C ALA B 389 -14.28 -19.06 -17.16
N GLU B 390 -15.31 -19.89 -16.95
CA GLU B 390 -16.13 -20.47 -18.04
C GLU B 390 -17.56 -19.92 -18.14
N LYS B 391 -18.18 -19.70 -17.01
CA LYS B 391 -19.64 -19.39 -16.97
C LYS B 391 -20.04 -17.94 -17.05
N ILE B 392 -19.13 -17.02 -16.69
CA ILE B 392 -19.41 -15.60 -16.71
C ILE B 392 -18.19 -14.88 -17.36
N THR B 393 -18.49 -13.74 -17.95
CA THR B 393 -17.50 -12.71 -18.25
C THR B 393 -17.70 -11.56 -17.27
N TYR B 394 -16.68 -10.74 -17.08
CA TYR B 394 -16.77 -9.60 -16.24
C TYR B 394 -15.58 -8.65 -16.53
N ASP B 395 -15.69 -7.42 -16.08
CA ASP B 395 -14.56 -6.50 -16.10
C ASP B 395 -13.96 -6.36 -14.72
N VAL B 396 -12.69 -5.94 -14.69
CA VAL B 396 -11.99 -5.68 -13.43
C VAL B 396 -11.65 -4.18 -13.31
N PRO B 397 -12.43 -3.41 -12.52
CA PRO B 397 -12.18 -1.93 -12.53
C PRO B 397 -10.85 -1.58 -11.85
N GLU B 398 -10.36 -0.37 -12.11
CA GLU B 398 -9.17 0.08 -11.38
C GLU B 398 -9.40 0.02 -9.92
N GLN B 399 -8.45 -0.57 -9.18
CA GLN B 399 -8.59 -0.80 -7.80
C GLN B 399 -7.20 -1.19 -7.16
N ASP B 400 -7.17 -1.35 -5.85
CA ASP B 400 -5.95 -1.73 -5.20
C ASP B 400 -5.88 -3.28 -5.12
N LEU B 401 -5.15 -3.83 -6.06
CA LEU B 401 -4.95 -5.27 -6.19
C LEU B 401 -3.79 -5.83 -5.39
N GLU B 402 -3.08 -5.00 -4.63
CA GLU B 402 -1.90 -5.45 -3.94
C GLU B 402 -2.24 -6.57 -2.95
N VAL B 403 -1.35 -7.55 -2.84
CA VAL B 403 -1.36 -8.54 -1.74
C VAL B 403 -0.08 -8.24 -0.94
N ASP B 404 -0.23 -7.63 0.21
CA ASP B 404 0.93 -7.14 0.97
C ASP B 404 1.51 -8.34 1.69
N LEU B 405 2.70 -8.77 1.26
CA LEU B 405 3.36 -9.93 1.90
C LEU B 405 3.91 -9.57 3.31
N ASN B 406 4.03 -8.28 3.64
CA ASN B 406 4.51 -7.91 4.99
C ASN B 406 3.37 -7.83 5.96
N SER B 407 2.13 -8.14 5.54
CA SER B 407 0.99 -8.05 6.45
C SER B 407 0.23 -9.37 6.60
N ILE B 408 0.25 -9.93 7.82
CA ILE B 408 -0.57 -11.10 8.17
C ILE B 408 -1.90 -10.59 8.69
N PRO B 409 -3.03 -11.14 8.21
CA PRO B 409 -3.23 -12.20 7.21
C PRO B 409 -3.17 -11.65 5.75
N GLY B 410 -2.89 -12.54 4.82
CA GLY B 410 -2.84 -12.26 3.38
C GLY B 410 -4.21 -11.93 2.80
N TYR B 411 -4.28 -10.75 2.21
CA TYR B 411 -5.53 -10.27 1.54
C TYR B 411 -5.19 -9.45 0.30
N VAL B 412 -6.06 -9.51 -0.71
CA VAL B 412 -6.10 -8.52 -1.82
C VAL B 412 -6.73 -7.31 -1.13
N LYS B 413 -6.05 -6.17 -1.22
CA LYS B 413 -6.49 -4.99 -0.45
C LYS B 413 -7.94 -4.59 -0.75
N SER B 414 -8.36 -4.66 -1.99
CA SER B 414 -9.71 -4.28 -2.39
C SER B 414 -10.74 -5.37 -2.09
N GLY B 415 -10.24 -6.60 -1.86
CA GLY B 415 -11.12 -7.77 -1.81
C GLY B 415 -11.29 -8.47 -3.17
N PHE B 416 -10.80 -7.84 -4.25
CA PHE B 416 -11.03 -8.20 -5.61
C PHE B 416 -12.41 -7.90 -6.13
N VAL B 417 -12.53 -6.73 -6.78
CA VAL B 417 -13.84 -6.22 -7.20
C VAL B 417 -14.02 -6.44 -8.69
N ILE B 418 -15.21 -6.91 -9.07
CA ILE B 418 -15.56 -7.09 -10.50
C ILE B 418 -16.84 -6.34 -10.80
N LYS B 419 -17.09 -6.11 -12.08
CA LYS B 419 -18.22 -5.40 -12.56
C LYS B 419 -18.71 -5.93 -13.89
N ASN B 420 -19.92 -5.52 -14.27
CA ASN B 420 -20.46 -5.93 -15.59
C ASN B 420 -20.45 -7.46 -15.76
N VAL B 421 -20.85 -8.19 -14.71
CA VAL B 421 -20.99 -9.62 -14.82
C VAL B 421 -22.07 -9.95 -15.86
N ARG B 422 -21.77 -10.91 -16.72
CA ARG B 422 -22.68 -11.43 -17.76
C ARG B 422 -22.48 -12.90 -17.96
N GLU B 423 -23.53 -13.68 -17.78
CA GLU B 423 -23.49 -15.11 -18.07
C GLU B 423 -23.08 -15.38 -19.47
N VAL B 424 -22.35 -16.48 -19.68
CA VAL B 424 -21.93 -16.94 -20.98
C VAL B 424 -22.98 -17.96 -21.38
N VAL B 425 -23.75 -17.68 -22.42
CA VAL B 425 -24.79 -18.60 -22.88
C VAL B 425 -24.80 -18.63 -24.40
N ASP B 426 -24.75 -19.82 -24.97
CA ASP B 426 -24.91 -19.95 -26.40
C ASP B 426 -26.42 -20.05 -26.68
N ARG B 427 -26.97 -18.98 -27.24
CA ARG B 427 -28.40 -18.93 -27.53
C ARG B 427 -28.72 -19.26 -29.00
N THR B 428 -27.71 -19.69 -29.78
CA THR B 428 -27.88 -20.01 -31.22
C THR B 428 -28.41 -21.39 -31.55
CHA HEM C . 4.62 19.05 0.35
CHB HEM C . 4.79 22.22 -3.36
CHC HEM C . 9.53 21.38 -3.78
CHD HEM C . 9.27 17.98 -0.39
C1A HEM C . 4.32 20.05 -0.55
C2A HEM C . 2.99 20.58 -0.72
C3A HEM C . 3.03 21.44 -1.76
C4A HEM C . 4.38 21.51 -2.24
CMA HEM C . 1.84 22.23 -2.29
CAA HEM C . 1.76 20.14 0.14
CBA HEM C . 1.38 21.17 1.23
CGA HEM C . 0.15 20.66 1.98
O1A HEM C . -0.38 21.32 2.93
O2A HEM C . -0.40 19.58 1.63
C1B HEM C . 6.10 22.15 -3.86
C2B HEM C . 6.49 22.90 -4.98
C3B HEM C . 7.79 22.68 -5.14
C4B HEM C . 8.23 21.78 -4.03
CMB HEM C . 5.58 23.72 -5.91
CAB HEM C . 8.34 23.31 -6.33
CBB HEM C . 9.21 22.80 -7.03
C1C HEM C . 9.91 20.49 -2.86
C2C HEM C . 11.24 20.02 -2.74
C3C HEM C . 11.13 19.01 -1.76
C4C HEM C . 9.77 18.89 -1.33
CMC HEM C . 12.49 20.52 -3.48
CAC HEM C . 12.17 18.17 -1.25
CBC HEM C . 13.42 18.31 -1.59
C1D HEM C . 7.93 17.96 0.00
C2D HEM C . 7.46 17.01 1.01
C3D HEM C . 6.17 17.31 1.22
C4D HEM C . 5.88 18.47 0.35
CMD HEM C . 8.23 15.91 1.63
CAD HEM C . 5.17 16.59 2.11
CBD HEM C . 5.18 17.10 3.53
CGD HEM C . 3.99 16.56 4.32
O1D HEM C . 3.97 16.81 5.58
O2D HEM C . 3.08 15.86 3.72
NA HEM C . 5.14 20.61 -1.46
NB HEM C . 7.18 21.62 -3.26
NC HEM C . 9.10 19.84 -1.99
ND HEM C . 7.01 18.91 -0.28
FE HEM C . 7.10 20.26 -1.69
C1 EPA D . 6.07 17.18 -6.51
OA EPA D . 5.55 16.71 -5.47
OB EPA D . 6.47 16.54 -7.52
C2 EPA D . 6.23 18.68 -6.60
C3 EPA D . 5.02 19.23 -7.34
C4 EPA D . 4.37 20.29 -6.47
C5 EPA D . 3.15 19.73 -5.78
C6 EPA D . 1.98 19.78 -6.74
C7 EPA D . 0.75 19.80 -5.86
C8 EPA D . -0.54 19.76 -6.68
C9 EPA D . -1.68 19.33 -5.77
C10 EPA D . -3.00 19.58 -6.47
C11 EPA D . -4.12 18.85 -5.78
C12 EPA D . -5.48 19.40 -6.22
C13 EPA D . -6.64 18.59 -5.68
C14 EPA D . -7.99 19.11 -6.18
C15 EPA D . -9.02 19.31 -5.08
C16 EPA D . -10.28 19.97 -5.64
C17 EPA D . -10.57 21.27 -5.43
C18 EPA D . -11.85 21.81 -6.01
C19 EPA D . -11.87 23.25 -6.28
C20 EPA D . -11.99 24.52 -6.57
S SO4 E . 32.53 25.00 -9.08
O1 SO4 E . 32.41 23.53 -8.69
O2 SO4 E . 31.55 25.85 -8.26
O3 SO4 E . 34.03 25.48 -8.86
O4 SO4 E . 32.18 25.36 -10.52
CHA HEM F . -6.23 -27.76 10.79
CHB HEM F . -5.31 -24.42 7.51
CHC HEM F . -9.62 -25.28 5.48
CHD HEM F . -10.63 -28.36 9.07
C1A HEM F . -5.55 -26.83 9.99
C2A HEM F . -4.25 -26.40 10.25
C3A HEM F . -4.01 -25.46 9.32
C4A HEM F . -5.16 -25.33 8.52
CMA HEM F . -2.75 -24.68 9.18
CAA HEM F . -3.23 -26.78 11.37
CBA HEM F . -2.07 -27.72 11.00
CGA HEM F . -1.17 -28.04 12.22
O1A HEM F . -0.21 -28.87 12.09
O2A HEM F . -1.45 -27.51 13.31
C1B HEM F . -6.47 -24.33 6.74
C2B HEM F . -6.63 -23.35 5.68
C3B HEM F . -7.83 -23.54 5.10
C4B HEM F . -8.42 -24.70 5.77
CMB HEM F . -5.65 -22.31 5.25
CAB HEM F . -8.23 -22.68 3.99
CBB HEM F . -9.36 -22.23 3.83
C1C HEM F . -10.23 -26.32 6.18
C2C HEM F . -11.51 -26.85 5.91
C3C HEM F . -11.77 -27.71 6.93
C4C HEM F . -10.70 -27.69 7.84
CMC HEM F . -12.36 -26.57 4.70
CAC HEM F . -12.94 -28.55 7.14
CBC HEM F . -13.88 -28.77 6.23
C1D HEM F . -9.48 -28.34 9.84
C2D HEM F . -9.42 -29.16 11.06
C3D HEM F . -8.23 -28.98 11.54
C4D HEM F . -7.54 -28.08 10.60
CMD HEM F . -10.58 -29.94 11.67
CAD HEM F . -7.69 -29.57 12.86
CBD HEM F . -7.08 -30.93 12.83
CGD HEM F . -6.28 -31.25 14.06
O1D HEM F . -5.84 -32.40 14.20
O2D HEM F . -5.91 -30.37 14.88
NA HEM F . -6.10 -26.24 8.89
NB HEM F . -7.52 -25.10 6.72
NC HEM F . -9.75 -26.82 7.37
ND HEM F . -8.28 -27.86 9.50
FE HEM F . -7.89 -26.56 8.12
C1 EPA G . -10.00 -21.61 10.15
OA EPA G . -9.59 -22.32 11.13
OB EPA G . -10.96 -20.83 10.20
C2 EPA G . -9.42 -21.68 8.73
C3 EPA G . -8.22 -20.79 8.58
C4 EPA G . -7.02 -21.69 8.79
C5 EPA G . -6.48 -21.42 10.15
C6 EPA G . -5.44 -20.31 10.05
C7 EPA G . -4.46 -20.67 11.10
C8 EPA G . -3.38 -19.66 11.36
C9 EPA G . -2.65 -20.12 12.59
C10 EPA G . -1.54 -19.20 12.95
C11 EPA G . -0.88 -19.59 14.27
C12 EPA G . 0.20 -18.61 14.66
C13 EPA G . 1.06 -19.13 15.79
C14 EPA G . 2.17 -18.19 16.16
C15 EPA G . 3.52 -18.84 16.44
C16 EPA G . 4.64 -17.81 16.27
C17 EPA G . 5.93 -18.10 16.17
C18 EPA G . 6.89 -16.93 15.99
C19 EPA G . 7.82 -16.93 14.83
C20 EPA G . 8.64 -16.81 13.83
#